data_8OF3
#
_entry.id   8OF3
#
_cell.length_a   212.689
_cell.length_b   212.689
_cell.length_c   186.742
_cell.angle_alpha   90.00
_cell.angle_beta   90.00
_cell.angle_gamma   120.00
#
_symmetry.space_group_name_H-M   'H 3 2'
#
loop_
_entity.id
_entity.type
_entity.pdbx_description
1 polymer 'Succinate-semialdehyde dehydrogenase'
2 non-polymer 3,6,9,12,15,18-HEXAOXAICOSANE-1,20-DIOL
3 non-polymer 'TRIETHYLENE GLYCOL'
4 non-polymer 'PENTAETHYLENE GLYCOL'
5 non-polymer 1,2-ETHANEDIOL
6 non-polymer 'SULFATE ION'
7 water water
#
_entity_poly.entity_id   1
_entity_poly.type   'polypeptide(L)'
_entity_poly.pdbx_seq_one_letter_code
;MGSSHHHHHHSSGLVPRGSHMGTMVQLNEAGLFKSQGLIGDKWVDAENGHTLPVNNPATGEILTSVPFMGKREAEKAIAA
ASQAFTSWSKRTANDRSKILRQWFNLLIKNKDDLGKLIVLEQGKPLAEAVGEIVYGAAFVEYYAEEAKRVYGDIIPSPFP
EKRMLVMKQPVGVVAAIAPWNFPLAMITRKVAPALAAGCTVVIKPSELTPLTALAAAELALQAGIPPGVVNVVMGDAKGI
GDAMLDSTEVRKITFTGSTGVGKMLLAGAGKTVKKVSLELGGNAPCIVFDDANLDVAVKGVLAGKYRNSGQT(CSX)VCI
NKIFVQDGIYDKFAEAFAKAVSGLRAGNGLEPGITQGPLINETALEKVERHVQDAVSKGAKVLVGGKRHSLGRTFYEPTI
LGNASDEMLIFREEVFGPVAPLVRFNTDEEAIKLANNSEFGLAAYAFTENITRGWRVAESLEFGMVGLNEGLISTEVAPF
GGMKQSGLGREGSKYGLDEYLEMKYVCLGNMAQPVG
;
_entity_poly.pdbx_strand_id   A,B
#
# COMPACT_ATOMS: atom_id res chain seq x y z
N HIS A 8 -8.21 50.11 2.23
CA HIS A 8 -9.47 49.39 2.43
C HIS A 8 -10.52 49.82 1.40
N HIS A 9 -10.51 51.10 0.96
CA HIS A 9 -11.42 51.55 -0.10
C HIS A 9 -11.06 50.82 -1.38
N HIS A 10 -12.07 50.49 -2.23
CA HIS A 10 -11.79 49.75 -3.45
C HIS A 10 -10.75 50.45 -4.37
N SER A 11 -10.51 51.80 -4.20
CA SER A 11 -9.55 52.49 -5.06
C SER A 11 -8.10 52.27 -4.60
N SER A 12 -7.85 51.79 -3.35
CA SER A 12 -6.49 51.51 -2.85
C SER A 12 -5.76 50.53 -3.72
N GLY A 13 -4.47 50.76 -3.93
CA GLY A 13 -3.68 49.87 -4.79
C GLY A 13 -2.73 48.87 -4.17
N LEU A 14 -2.84 48.62 -2.90
CA LEU A 14 -1.89 47.66 -2.24
C LEU A 14 -1.87 46.26 -2.93
N VAL A 15 -3.03 45.66 -3.12
CA VAL A 15 -3.18 44.46 -3.92
C VAL A 15 -3.41 44.94 -5.36
N PRO A 16 -2.54 44.60 -6.36
CA PRO A 16 -2.82 45.05 -7.74
C PRO A 16 -4.16 44.50 -8.20
N ARG A 17 -5.03 45.33 -8.76
CA ARG A 17 -6.32 44.83 -9.22
C ARG A 17 -6.09 44.09 -10.54
N GLY A 18 -6.98 43.15 -10.84
CA GLY A 18 -6.88 42.42 -12.09
C GLY A 18 -7.95 41.35 -12.23
N SER A 19 -7.81 40.55 -13.26
CA SER A 19 -8.72 39.44 -13.54
C SER A 19 -8.46 38.30 -12.56
N HIS A 20 -9.44 37.46 -12.41
CA HIS A 20 -9.36 36.28 -11.57
C HIS A 20 -9.01 36.66 -10.11
N MET A 21 -9.43 37.86 -9.65
CA MET A 21 -9.13 38.26 -8.26
C MET A 21 -9.92 37.43 -7.29
N GLY A 22 -11.13 37.03 -7.63
CA GLY A 22 -11.95 36.17 -6.79
C GLY A 22 -11.24 34.84 -6.55
N THR A 23 -10.64 34.29 -7.59
CA THR A 23 -9.93 33.02 -7.48
C THR A 23 -8.71 33.19 -6.59
N MET A 24 -7.94 34.30 -6.78
N MET A 24 -7.98 34.31 -6.78
CA MET A 24 -6.76 34.54 -5.95
CA MET A 24 -6.80 34.57 -5.99
C MET A 24 -7.15 34.75 -4.51
C MET A 24 -7.15 34.77 -4.52
N VAL A 25 -8.25 35.49 -4.24
CA VAL A 25 -8.73 35.67 -2.89
C VAL A 25 -9.13 34.33 -2.27
N GLN A 26 -9.82 33.47 -3.02
CA GLN A 26 -10.22 32.16 -2.49
C GLN A 26 -9.00 31.29 -2.19
N LEU A 27 -7.99 31.33 -3.04
CA LEU A 27 -6.74 30.60 -2.76
C LEU A 27 -6.04 31.18 -1.55
N ASN A 28 -5.98 32.51 -1.43
CA ASN A 28 -5.31 33.14 -0.30
C ASN A 28 -6.03 32.81 1.00
N GLU A 29 -7.37 32.77 0.98
CA GLU A 29 -8.18 32.40 2.15
C GLU A 29 -7.96 30.95 2.54
N ALA A 30 -7.75 30.08 1.56
CA ALA A 30 -7.48 28.65 1.81
C ALA A 30 -6.04 28.39 2.32
N GLY A 31 -5.19 29.43 2.48
CA GLY A 31 -3.80 29.25 2.91
C GLY A 31 -2.87 28.72 1.81
N LEU A 32 -3.30 28.79 0.55
CA LEU A 32 -2.55 28.22 -0.57
C LEU A 32 -1.90 29.21 -1.52
N PHE A 33 -1.85 30.51 -1.17
CA PHE A 33 -1.25 31.51 -2.02
C PHE A 33 -0.08 32.10 -1.29
N LYS A 34 1.16 31.74 -1.70
CA LYS A 34 2.37 32.10 -0.97
C LYS A 34 3.30 32.97 -1.73
N SER A 35 3.99 33.86 -1.00
N SER A 35 4.00 33.81 -0.99
CA SER A 35 4.99 34.75 -1.55
CA SER A 35 4.99 34.71 -1.55
C SER A 35 6.31 34.59 -0.79
C SER A 35 6.31 34.57 -0.80
N GLN A 36 6.51 33.43 -0.06
CA GLN A 36 7.72 33.16 0.66
C GLN A 36 8.12 31.70 0.41
N GLY A 37 9.39 31.43 0.60
CA GLY A 37 9.92 30.07 0.60
C GLY A 37 9.81 29.47 1.98
N LEU A 38 10.18 28.20 2.10
CA LEU A 38 10.03 27.46 3.34
C LEU A 38 11.35 26.83 3.70
N ILE A 39 11.90 27.25 4.83
CA ILE A 39 13.14 26.71 5.34
C ILE A 39 12.92 26.33 6.78
N GLY A 40 12.97 25.03 7.07
CA GLY A 40 12.73 24.56 8.42
C GLY A 40 11.36 24.95 8.93
N ASP A 41 11.34 25.60 10.10
CA ASP A 41 10.08 25.97 10.71
C ASP A 41 9.64 27.39 10.40
N LYS A 42 10.19 27.99 9.35
CA LYS A 42 9.82 29.33 8.97
C LYS A 42 9.54 29.50 7.50
N TRP A 43 8.55 30.34 7.17
CA TRP A 43 8.34 30.89 5.85
C TRP A 43 9.22 32.11 5.77
N VAL A 44 10.05 32.22 4.74
CA VAL A 44 11.10 33.22 4.66
C VAL A 44 11.20 33.95 3.33
N ASP A 45 11.75 35.17 3.40
CA ASP A 45 12.17 35.93 2.25
C ASP A 45 13.63 35.59 1.95
N ALA A 46 14.15 36.09 0.83
CA ALA A 46 15.55 36.01 0.54
C ALA A 46 16.28 36.96 1.54
N GLU A 47 17.54 36.67 1.81
CA GLU A 47 18.33 37.44 2.77
C GLU A 47 18.42 38.92 2.38
N ASN A 48 18.44 39.23 1.09
CA ASN A 48 18.48 40.61 0.62
C ASN A 48 17.12 41.16 0.16
N GLY A 49 16.04 40.42 0.38
CA GLY A 49 14.71 40.83 0.00
C GLY A 49 14.41 40.87 -1.48
N HIS A 50 15.34 40.39 -2.33
CA HIS A 50 15.06 40.33 -3.76
C HIS A 50 13.97 39.32 -4.09
N THR A 51 13.29 39.55 -5.21
CA THR A 51 12.15 38.76 -5.61
C THR A 51 12.14 38.55 -7.11
N LEU A 52 11.21 37.67 -7.56
CA LEU A 52 10.94 37.51 -8.97
C LEU A 52 9.43 37.44 -9.09
N PRO A 53 8.89 38.01 -10.18
CA PRO A 53 7.42 38.00 -10.35
C PRO A 53 6.94 36.69 -10.96
N VAL A 54 5.71 36.32 -10.64
CA VAL A 54 5.03 35.19 -11.24
C VAL A 54 3.85 35.80 -11.96
N ASN A 55 3.84 35.67 -13.27
CA ASN A 55 2.78 36.24 -14.10
C ASN A 55 1.93 35.15 -14.73
N ASN A 56 0.65 35.48 -14.95
CA ASN A 56 -0.27 34.57 -15.61
C ASN A 56 0.03 34.57 -17.10
N PRO A 57 0.39 33.42 -17.72
CA PRO A 57 0.74 33.44 -19.15
C PRO A 57 -0.39 33.73 -20.08
N ALA A 58 -1.65 33.61 -19.64
CA ALA A 58 -2.78 33.90 -20.53
C ALA A 58 -3.20 35.36 -20.50
N THR A 59 -2.86 36.06 -19.44
CA THR A 59 -3.29 37.45 -19.29
C THR A 59 -2.18 38.46 -19.17
N GLY A 60 -0.98 38.03 -18.82
CA GLY A 60 0.12 38.94 -18.54
C GLY A 60 0.11 39.55 -17.15
N GLU A 61 -0.94 39.31 -16.37
CA GLU A 61 -1.05 39.91 -15.05
C GLU A 61 -0.14 39.28 -14.00
N ILE A 62 0.30 40.08 -13.04
CA ILE A 62 1.06 39.60 -11.91
C ILE A 62 0.14 38.83 -10.96
N LEU A 63 0.62 37.67 -10.50
CA LEU A 63 -0.07 36.90 -9.51
C LEU A 63 0.48 37.33 -8.16
N THR A 64 1.78 37.21 -7.99
CA THR A 64 2.48 37.66 -6.79
C THR A 64 4.00 37.64 -7.10
N SER A 65 4.83 37.91 -6.10
CA SER A 65 6.25 37.76 -6.24
C SER A 65 6.67 36.59 -5.33
N VAL A 66 7.78 35.96 -5.62
CA VAL A 66 8.39 34.99 -4.72
C VAL A 66 9.82 35.43 -4.48
N PRO A 67 10.45 34.94 -3.41
CA PRO A 67 11.85 35.31 -3.19
C PRO A 67 12.80 34.90 -4.31
N PHE A 68 13.84 35.69 -4.49
CA PHE A 68 14.94 35.36 -5.38
C PHE A 68 16.08 34.98 -4.45
N MET A 69 16.11 33.72 -4.07
CA MET A 69 17.11 33.17 -3.15
C MET A 69 18.34 32.64 -3.90
N GLY A 70 19.39 32.35 -3.15
CA GLY A 70 20.59 31.82 -3.74
C GLY A 70 21.30 30.87 -2.82
N LYS A 71 22.62 30.88 -2.94
CA LYS A 71 23.50 29.98 -2.17
C LYS A 71 23.22 29.95 -0.67
N ARG A 72 23.14 31.13 -0.01
CA ARG A 72 22.98 31.18 1.45
C ARG A 72 21.71 30.52 1.93
N GLU A 73 20.62 30.78 1.25
CA GLU A 73 19.33 30.20 1.61
C GLU A 73 19.33 28.71 1.33
N ALA A 74 19.92 28.29 0.20
CA ALA A 74 20.01 26.85 -0.10
C ALA A 74 20.81 26.13 0.97
N GLU A 75 21.92 26.76 1.44
CA GLU A 75 22.71 26.15 2.51
C GLU A 75 21.89 25.99 3.79
N LYS A 76 21.09 27.01 4.12
CA LYS A 76 20.25 26.96 5.31
C LYS A 76 19.16 25.88 5.19
N ALA A 77 18.60 25.73 3.99
CA ALA A 77 17.60 24.68 3.75
C ALA A 77 18.22 23.30 3.88
N ILE A 78 19.43 23.11 3.34
CA ILE A 78 20.13 21.83 3.46
C ILE A 78 20.42 21.52 4.93
N ALA A 79 20.85 22.53 5.69
CA ALA A 79 21.11 22.32 7.11
C ALA A 79 19.83 21.91 7.86
N ALA A 80 18.69 22.51 7.52
CA ALA A 80 17.42 22.16 8.15
C ALA A 80 17.06 20.71 7.79
N ALA A 81 17.24 20.34 6.53
CA ALA A 81 16.93 18.99 6.09
C ALA A 81 17.83 17.97 6.77
N SER A 82 19.10 18.30 6.94
CA SER A 82 20.05 17.42 7.59
C SER A 82 19.70 17.22 9.07
N GLN A 83 19.29 18.29 9.73
CA GLN A 83 18.87 18.20 11.12
C GLN A 83 17.60 17.35 11.27
N ALA A 84 16.65 17.48 10.35
CA ALA A 84 15.39 16.75 10.41
C ALA A 84 15.53 15.26 10.04
N PHE A 85 16.55 14.93 9.25
CA PHE A 85 16.74 13.59 8.76
C PHE A 85 16.89 12.56 9.86
N THR A 86 17.66 12.88 10.89
CA THR A 86 17.92 11.91 11.96
C THR A 86 16.62 11.32 12.55
N SER A 87 15.70 12.15 12.93
CA SER A 87 14.44 11.71 13.51
C SER A 87 13.47 11.13 12.45
N TRP A 88 13.34 11.78 11.29
CA TRP A 88 12.40 11.30 10.29
C TRP A 88 12.76 9.92 9.78
N SER A 89 14.05 9.66 9.57
CA SER A 89 14.53 8.36 9.06
C SER A 89 14.36 7.24 10.06
N LYS A 90 14.31 7.56 11.33
CA LYS A 90 14.17 6.53 12.38
C LYS A 90 12.76 6.26 12.81
N ARG A 91 11.75 6.98 12.25
CA ARG A 91 10.36 6.63 12.46
C ARG A 91 10.10 5.29 11.80
N THR A 92 9.03 4.59 12.25
CA THR A 92 8.66 3.38 11.53
C THR A 92 8.12 3.76 10.15
N ALA A 93 8.12 2.81 9.23
CA ALA A 93 7.50 3.01 7.92
C ALA A 93 6.02 3.31 8.09
N ASN A 94 5.36 2.63 9.01
CA ASN A 94 3.94 2.84 9.28
C ASN A 94 3.65 4.28 9.71
N ASP A 95 4.53 4.85 10.52
CA ASP A 95 4.37 6.22 11.00
C ASP A 95 4.51 7.19 9.82
N ARG A 96 5.56 7.03 9.00
CA ARG A 96 5.69 7.90 7.82
C ARG A 96 4.50 7.73 6.88
N SER A 97 4.05 6.49 6.71
CA SER A 97 2.92 6.19 5.81
C SER A 97 1.66 6.92 6.22
N LYS A 98 1.36 6.96 7.52
CA LYS A 98 0.16 7.62 8.01
C LYS A 98 0.22 9.11 7.70
N ILE A 99 1.37 9.72 7.92
CA ILE A 99 1.54 11.15 7.68
C ILE A 99 1.45 11.46 6.19
N LEU A 100 2.11 10.66 5.35
CA LEU A 100 2.04 10.85 3.91
C LEU A 100 0.61 10.69 3.40
N ARG A 101 -0.18 9.74 3.98
CA ARG A 101 -1.57 9.61 3.55
C ARG A 101 -2.37 10.85 3.94
N GLN A 102 -2.07 11.49 5.09
CA GLN A 102 -2.74 12.73 5.45
C GLN A 102 -2.44 13.82 4.42
N TRP A 103 -1.21 13.87 3.90
CA TRP A 103 -0.84 14.84 2.85
C TRP A 103 -1.58 14.56 1.57
N PHE A 104 -1.65 13.28 1.19
CA PHE A 104 -2.42 12.85 0.00
C PHE A 104 -3.87 13.32 0.13
N ASN A 105 -4.49 13.06 1.28
CA ASN A 105 -5.89 13.42 1.48
C ASN A 105 -6.08 14.92 1.39
N LEU A 106 -5.16 15.70 1.93
CA LEU A 106 -5.25 17.18 1.84
C LEU A 106 -5.09 17.69 0.42
N LEU A 107 -4.20 17.06 -0.37
CA LEU A 107 -4.07 17.46 -1.77
C LEU A 107 -5.36 17.22 -2.51
N ILE A 108 -5.99 16.06 -2.31
CA ILE A 108 -7.25 15.73 -2.98
C ILE A 108 -8.38 16.62 -2.49
N LYS A 109 -8.43 16.89 -1.19
CA LYS A 109 -9.47 17.76 -0.62
C LYS A 109 -9.42 19.15 -1.29
N ASN A 110 -8.21 19.64 -1.57
CA ASN A 110 -7.97 20.97 -2.11
C ASN A 110 -7.78 20.95 -3.62
N LYS A 111 -8.17 19.87 -4.33
CA LYS A 111 -7.81 19.74 -5.74
C LYS A 111 -8.36 20.82 -6.66
N ASP A 112 -9.58 21.27 -6.40
CA ASP A 112 -10.17 22.28 -7.30
C ASP A 112 -9.40 23.61 -7.22
N ASP A 113 -9.08 24.08 -6.01
CA ASP A 113 -8.30 25.31 -5.83
C ASP A 113 -6.88 25.12 -6.34
N LEU A 114 -6.24 23.98 -6.02
CA LEU A 114 -4.89 23.73 -6.52
C LEU A 114 -4.86 23.68 -8.04
N GLY A 115 -5.89 23.10 -8.67
CA GLY A 115 -5.99 23.08 -10.13
C GLY A 115 -6.04 24.50 -10.69
N LYS A 116 -6.85 25.35 -10.05
CA LYS A 116 -6.92 26.75 -10.49
C LYS A 116 -5.58 27.46 -10.38
N LEU A 117 -4.81 27.16 -9.32
CA LEU A 117 -3.49 27.75 -9.15
C LEU A 117 -2.54 27.35 -10.26
N ILE A 118 -2.60 26.06 -10.66
CA ILE A 118 -1.78 25.62 -11.81
C ILE A 118 -2.19 26.37 -13.08
N VAL A 119 -3.50 26.52 -13.30
CA VAL A 119 -3.96 27.25 -14.50
C VAL A 119 -3.37 28.68 -14.47
N LEU A 120 -3.50 29.34 -13.32
CA LEU A 120 -3.05 30.73 -13.23
C LEU A 120 -1.58 30.93 -13.58
N GLU A 121 -0.70 30.07 -13.05
CA GLU A 121 0.74 30.26 -13.26
C GLU A 121 1.30 29.58 -14.48
N GLN A 122 0.69 28.47 -14.92
CA GLN A 122 1.23 27.67 -16.03
C GLN A 122 0.39 27.68 -17.29
N GLY A 123 -0.92 27.86 -17.18
CA GLY A 123 -1.80 28.12 -18.31
C GLY A 123 -2.63 27.00 -18.87
N LYS A 124 -2.38 25.76 -18.46
CA LYS A 124 -3.11 24.64 -19.04
C LYS A 124 -4.60 24.71 -18.69
N PRO A 125 -5.47 24.03 -19.48
CA PRO A 125 -6.90 24.06 -19.17
C PRO A 125 -7.20 23.53 -17.79
N LEU A 126 -8.22 24.05 -17.14
CA LEU A 126 -8.59 23.63 -15.78
C LEU A 126 -8.80 22.14 -15.65
N ALA A 127 -9.43 21.50 -16.65
CA ALA A 127 -9.64 20.03 -16.56
C ALA A 127 -8.30 19.29 -16.50
N GLU A 128 -7.31 19.76 -17.28
CA GLU A 128 -5.99 19.15 -17.24
C GLU A 128 -5.29 19.44 -15.90
N ALA A 129 -5.49 20.65 -15.35
CA ALA A 129 -4.88 21.02 -14.09
C ALA A 129 -5.44 20.24 -12.91
N VAL A 130 -6.74 20.05 -12.85
CA VAL A 130 -7.35 19.23 -11.79
C VAL A 130 -6.89 17.78 -12.00
N GLY A 131 -6.81 17.30 -13.24
CA GLY A 131 -6.28 15.98 -13.51
C GLY A 131 -4.84 15.81 -13.04
N GLU A 132 -4.04 16.88 -13.17
CA GLU A 132 -2.68 16.86 -12.67
C GLU A 132 -2.66 16.75 -11.17
N ILE A 133 -3.59 17.37 -10.45
CA ILE A 133 -3.61 17.22 -8.99
C ILE A 133 -3.89 15.77 -8.62
N VAL A 134 -4.85 15.15 -9.28
CA VAL A 134 -5.22 13.76 -8.98
C VAL A 134 -4.04 12.83 -9.29
N TYR A 135 -3.38 13.05 -10.41
CA TYR A 135 -2.20 12.27 -10.83
C TYR A 135 -1.02 12.51 -9.90
N GLY A 136 -0.73 13.78 -9.60
CA GLY A 136 0.40 14.13 -8.74
C GLY A 136 0.17 13.61 -7.34
N ALA A 137 -1.03 13.77 -6.81
CA ALA A 137 -1.36 13.28 -5.45
C ALA A 137 -1.23 11.77 -5.42
N ALA A 138 -1.51 11.07 -6.52
CA ALA A 138 -1.41 9.61 -6.56
C ALA A 138 -0.01 9.11 -6.20
N PHE A 139 1.05 9.87 -6.53
CA PHE A 139 2.40 9.47 -6.12
C PHE A 139 2.52 9.48 -4.61
N VAL A 140 1.87 10.45 -3.95
CA VAL A 140 1.92 10.55 -2.48
C VAL A 140 1.27 9.28 -1.87
N GLU A 141 0.08 8.95 -2.38
CA GLU A 141 -0.58 7.74 -1.91
C GLU A 141 0.25 6.51 -2.18
N TYR A 142 0.77 6.37 -3.40
CA TYR A 142 1.50 5.18 -3.79
C TYR A 142 2.69 4.93 -2.87
N TYR A 143 3.48 5.97 -2.65
CA TYR A 143 4.66 5.82 -1.82
C TYR A 143 4.37 5.81 -0.32
N ALA A 144 3.21 6.29 0.11
CA ALA A 144 2.78 6.07 1.50
C ALA A 144 2.58 4.55 1.73
N GLU A 145 2.06 3.86 0.71
CA GLU A 145 1.84 2.42 0.80
C GLU A 145 3.16 1.66 0.66
N GLU A 146 4.00 2.11 -0.30
CA GLU A 146 5.25 1.44 -0.59
C GLU A 146 6.25 1.59 0.52
N ALA A 147 6.13 2.63 1.37
CA ALA A 147 7.07 2.81 2.52
C ALA A 147 7.13 1.56 3.38
N LYS A 148 5.98 0.91 3.54
CA LYS A 148 5.83 -0.29 4.35
C LYS A 148 6.30 -1.59 3.69
N ARG A 149 6.76 -1.48 2.44
CA ARG A 149 7.13 -2.56 1.58
C ARG A 149 8.59 -2.45 1.12
N VAL A 150 9.41 -1.79 1.91
CA VAL A 150 10.86 -1.74 1.67
C VAL A 150 11.38 -3.03 2.28
N TYR A 151 11.39 -4.10 1.52
CA TYR A 151 11.76 -5.41 2.02
C TYR A 151 13.26 -5.64 1.91
N GLY A 152 13.81 -6.20 2.94
CA GLY A 152 15.16 -6.72 2.88
C GLY A 152 15.12 -8.20 2.51
N ASP A 153 16.30 -8.81 2.40
CA ASP A 153 16.43 -10.19 1.96
C ASP A 153 17.25 -11.01 2.95
N ILE A 154 17.02 -12.31 2.94
CA ILE A 154 17.86 -13.31 3.58
C ILE A 154 18.31 -14.20 2.41
N ILE A 155 19.63 -14.23 2.15
CA ILE A 155 20.15 -14.94 0.99
C ILE A 155 20.80 -16.23 1.40
N PRO A 156 20.52 -17.38 0.76
CA PRO A 156 21.21 -18.61 1.13
C PRO A 156 22.72 -18.46 1.06
N SER A 157 23.36 -18.81 2.16
CA SER A 157 24.78 -18.64 2.27
C SER A 157 25.54 -19.88 1.81
N PRO A 158 26.54 -19.76 0.92
CA PRO A 158 27.35 -20.93 0.55
C PRO A 158 28.35 -21.34 1.62
N PHE A 159 28.45 -20.51 2.69
CA PHE A 159 29.32 -20.82 3.81
C PHE A 159 28.44 -21.30 4.97
N PRO A 160 28.59 -22.53 5.43
CA PRO A 160 27.71 -23.03 6.51
C PRO A 160 27.70 -22.20 7.77
N GLU A 161 28.79 -21.56 8.09
CA GLU A 161 28.92 -20.79 9.32
C GLU A 161 28.53 -19.32 9.19
N LYS A 162 27.97 -18.90 8.07
CA LYS A 162 27.57 -17.53 7.85
C LYS A 162 26.12 -17.45 7.43
N ARG A 163 25.51 -16.35 7.77
CA ARG A 163 24.18 -15.99 7.33
C ARG A 163 24.25 -14.63 6.68
N MET A 164 23.45 -14.40 5.64
CA MET A 164 23.59 -13.24 4.78
C MET A 164 22.25 -12.50 4.64
N LEU A 165 22.27 -11.25 4.96
CA LEU A 165 21.13 -10.35 4.90
C LEU A 165 21.37 -9.18 4.00
N VAL A 166 20.28 -8.63 3.43
CA VAL A 166 20.32 -7.37 2.72
C VAL A 166 19.31 -6.45 3.36
N MET A 167 19.75 -5.32 3.87
CA MET A 167 18.90 -4.26 4.39
C MET A 167 18.87 -3.12 3.38
N LYS A 168 17.82 -2.28 3.41
CA LYS A 168 17.67 -1.14 2.51
C LYS A 168 17.28 0.03 3.37
N GLN A 169 18.09 1.10 3.37
CA GLN A 169 17.90 2.22 4.27
C GLN A 169 17.97 3.56 3.53
N PRO A 170 17.33 4.61 4.04
CA PRO A 170 17.30 5.87 3.28
C PRO A 170 18.67 6.47 3.05
N VAL A 171 18.83 7.02 1.85
CA VAL A 171 20.14 7.56 1.42
C VAL A 171 20.57 8.80 2.18
N GLY A 172 19.64 9.65 2.61
CA GLY A 172 19.98 10.87 3.31
C GLY A 172 19.24 12.06 2.74
N VAL A 173 19.83 13.26 2.85
CA VAL A 173 19.21 14.46 2.33
C VAL A 173 19.21 14.40 0.81
N VAL A 174 18.07 14.76 0.22
CA VAL A 174 17.86 14.80 -1.20
C VAL A 174 17.70 16.22 -1.67
N ALA A 175 18.31 16.55 -2.80
CA ALA A 175 18.10 17.84 -3.48
C ALA A 175 17.28 17.52 -4.71
N ALA A 176 16.18 18.21 -4.91
CA ALA A 176 15.27 17.99 -6.01
C ALA A 176 15.05 19.26 -6.79
N ILE A 177 15.09 19.16 -8.13
CA ILE A 177 14.88 20.30 -9.02
C ILE A 177 13.80 19.90 -10.00
N ALA A 178 12.72 20.70 -10.07
CA ALA A 178 11.53 20.39 -10.86
C ALA A 178 11.22 21.46 -11.91
N PRO A 179 10.66 21.06 -13.05
CA PRO A 179 10.34 21.99 -14.12
C PRO A 179 8.91 22.53 -14.01
N TRP A 180 8.54 23.38 -14.97
CA TRP A 180 7.30 24.13 -14.98
C TRP A 180 6.12 23.46 -15.61
N ASN A 181 6.30 22.35 -16.34
CA ASN A 181 5.17 21.86 -17.13
C ASN A 181 4.11 21.09 -16.34
N PHE A 182 4.46 20.55 -15.18
CA PHE A 182 3.55 19.92 -14.24
C PHE A 182 3.94 20.45 -12.85
N PRO A 183 3.47 21.66 -12.50
CA PRO A 183 3.87 22.33 -11.24
C PRO A 183 3.58 21.62 -9.96
N LEU A 184 2.64 20.66 -9.97
CA LEU A 184 2.42 19.84 -8.79
C LEU A 184 3.05 18.48 -8.97
N ALA A 185 2.74 17.78 -10.07
CA ALA A 185 3.17 16.39 -10.19
C ALA A 185 4.68 16.21 -10.23
N MET A 186 5.40 17.19 -10.77
CA MET A 186 6.87 17.08 -10.75
C MET A 186 7.40 17.25 -9.36
N ILE A 187 6.70 17.90 -8.46
CA ILE A 187 7.11 18.05 -7.06
C ILE A 187 6.85 16.68 -6.36
N THR A 188 5.63 16.16 -6.45
CA THR A 188 5.28 14.95 -5.70
C THR A 188 6.00 13.71 -6.19
N ARG A 189 6.29 13.63 -7.49
CA ARG A 189 7.01 12.47 -8.03
C ARG A 189 8.39 12.28 -7.40
N LYS A 190 8.98 13.37 -6.89
CA LYS A 190 10.29 13.35 -6.25
C LYS A 190 10.16 13.37 -4.73
N VAL A 191 9.32 14.22 -4.19
CA VAL A 191 9.20 14.37 -2.75
C VAL A 191 8.57 13.13 -2.09
N ALA A 192 7.52 12.59 -2.71
CA ALA A 192 6.82 11.43 -2.09
C ALA A 192 7.74 10.21 -1.86
N PRO A 193 8.45 9.71 -2.88
CA PRO A 193 9.32 8.55 -2.60
C PRO A 193 10.44 8.90 -1.64
N ALA A 194 10.99 10.11 -1.75
CA ALA A 194 12.08 10.51 -0.82
C ALA A 194 11.58 10.43 0.64
N LEU A 195 10.43 11.04 0.92
CA LEU A 195 9.91 11.04 2.27
C LEU A 195 9.52 9.66 2.73
N ALA A 196 8.91 8.87 1.84
CA ALA A 196 8.51 7.52 2.19
C ALA A 196 9.69 6.65 2.63
N ALA A 197 10.82 6.77 1.91
CA ALA A 197 12.01 6.02 2.26
C ALA A 197 12.58 6.45 3.61
N GLY A 198 12.34 7.67 4.02
CA GLY A 198 12.89 8.23 5.24
C GLY A 198 13.90 9.35 4.99
N CYS A 199 14.02 9.83 3.76
CA CYS A 199 14.86 10.96 3.41
C CYS A 199 14.13 12.26 3.74
N THR A 200 14.90 13.36 3.76
CA THR A 200 14.40 14.73 3.83
C THR A 200 14.78 15.39 2.53
N VAL A 201 14.14 16.52 2.19
N VAL A 201 14.09 16.49 2.19
N VAL A 201 14.11 16.51 2.20
CA VAL A 201 14.36 17.12 0.88
CA VAL A 201 14.24 17.12 0.88
CA VAL A 201 14.28 17.13 0.91
C VAL A 201 14.38 18.63 0.85
C VAL A 201 14.40 18.64 0.90
C VAL A 201 14.48 18.63 0.96
N VAL A 202 15.25 19.14 -0.02
CA VAL A 202 15.35 20.55 -0.35
C VAL A 202 14.90 20.55 -1.83
N ILE A 203 13.77 21.20 -2.15
CA ILE A 203 13.30 21.24 -3.54
C ILE A 203 13.31 22.66 -4.08
N LYS A 204 13.79 22.77 -5.32
CA LYS A 204 13.78 24.02 -6.05
C LYS A 204 12.79 23.84 -7.19
N PRO A 205 11.57 24.37 -7.04
CA PRO A 205 10.62 24.33 -8.13
C PRO A 205 11.07 25.29 -9.21
N SER A 206 10.40 25.21 -10.38
CA SER A 206 10.68 26.18 -11.45
C SER A 206 10.31 27.59 -11.00
N GLU A 207 11.19 28.54 -11.29
CA GLU A 207 10.91 29.95 -10.98
C GLU A 207 9.72 30.45 -11.81
N LEU A 208 9.36 29.72 -12.89
CA LEU A 208 8.19 30.09 -13.67
C LEU A 208 6.87 29.67 -13.02
N THR A 209 6.89 28.60 -12.21
CA THR A 209 5.67 28.08 -11.64
C THR A 209 5.93 27.62 -10.20
N PRO A 210 6.35 28.53 -9.31
CA PRO A 210 6.69 28.11 -7.96
C PRO A 210 5.50 28.04 -6.99
N LEU A 211 4.37 28.66 -7.31
CA LEU A 211 3.30 28.79 -6.34
C LEU A 211 2.68 27.48 -5.93
N THR A 212 2.48 26.58 -6.91
CA THR A 212 1.89 25.28 -6.63
C THR A 212 2.76 24.47 -5.68
N ALA A 213 4.08 24.57 -5.83
CA ALA A 213 4.98 23.83 -4.92
C ALA A 213 4.84 24.37 -3.49
N LEU A 214 4.71 25.69 -3.35
CA LEU A 214 4.57 26.30 -2.05
C LEU A 214 3.25 25.92 -1.41
N ALA A 215 2.16 25.85 -2.22
CA ALA A 215 0.87 25.42 -1.69
C ALA A 215 0.97 23.96 -1.21
N ALA A 216 1.62 23.11 -2.01
CA ALA A 216 1.81 21.70 -1.66
C ALA A 216 2.59 21.55 -0.36
N ALA A 217 3.60 22.40 -0.16
CA ALA A 217 4.39 22.38 1.06
C ALA A 217 3.60 22.86 2.27
N GLU A 218 2.72 23.85 2.12
CA GLU A 218 1.84 24.27 3.21
C GLU A 218 0.95 23.07 3.63
N LEU A 219 0.40 22.34 2.64
CA LEU A 219 -0.44 21.18 2.96
C LEU A 219 0.38 20.06 3.59
N ALA A 220 1.65 19.92 3.22
CA ALA A 220 2.53 18.93 3.88
C ALA A 220 2.66 19.28 5.38
N LEU A 221 2.87 20.56 5.71
CA LEU A 221 2.96 20.99 7.12
C LEU A 221 1.64 20.70 7.84
N GLN A 222 0.53 20.98 7.19
CA GLN A 222 -0.79 20.69 7.79
C GLN A 222 -1.02 19.21 8.02
N ALA A 223 -0.45 18.36 7.17
CA ALA A 223 -0.52 16.91 7.31
C ALA A 223 0.31 16.35 8.45
N GLY A 224 1.19 17.16 9.05
CA GLY A 224 2.04 16.69 10.11
C GLY A 224 3.43 16.32 9.69
N ILE A 225 3.85 16.69 8.46
CA ILE A 225 5.21 16.49 8.04
C ILE A 225 6.06 17.46 8.88
N PRO A 226 7.01 16.97 9.67
CA PRO A 226 7.73 17.87 10.58
C PRO A 226 8.51 18.95 9.85
N PRO A 227 8.69 20.11 10.48
CA PRO A 227 9.52 21.14 9.84
C PRO A 227 10.93 20.65 9.53
N GLY A 228 11.41 21.05 8.37
CA GLY A 228 12.72 20.66 7.89
C GLY A 228 12.72 19.41 7.04
N VAL A 229 11.64 18.62 7.11
CA VAL A 229 11.55 17.42 6.24
C VAL A 229 11.37 17.81 4.79
N VAL A 230 10.63 18.91 4.54
CA VAL A 230 10.40 19.50 3.23
C VAL A 230 10.78 20.98 3.30
N ASN A 231 11.64 21.40 2.40
CA ASN A 231 12.11 22.80 2.33
C ASN A 231 12.02 23.21 0.88
N VAL A 232 11.58 24.44 0.62
CA VAL A 232 11.35 24.93 -0.75
C VAL A 232 12.08 26.27 -0.92
N VAL A 233 13.00 26.31 -1.88
CA VAL A 233 13.79 27.50 -2.20
C VAL A 233 13.74 27.74 -3.69
N MET A 234 13.87 29.00 -4.12
CA MET A 234 13.83 29.34 -5.54
C MET A 234 14.54 30.64 -5.81
N GLY A 235 14.88 30.89 -7.06
CA GLY A 235 15.46 32.16 -7.48
C GLY A 235 16.61 32.00 -8.41
N ASP A 236 17.81 32.06 -7.87
CA ASP A 236 19.05 31.88 -8.63
C ASP A 236 19.27 30.41 -8.77
N ALA A 237 18.75 29.83 -9.84
CA ALA A 237 18.82 28.38 -10.04
C ALA A 237 20.24 27.85 -10.06
N LYS A 238 21.16 28.58 -10.69
CA LYS A 238 22.56 28.15 -10.72
C LYS A 238 23.18 28.16 -9.32
N GLY A 239 22.99 29.23 -8.54
CA GLY A 239 23.53 29.31 -7.20
C GLY A 239 22.95 28.26 -6.27
N ILE A 240 21.65 28.03 -6.37
CA ILE A 240 20.98 27.01 -5.57
C ILE A 240 21.53 25.63 -5.95
N GLY A 241 21.59 25.35 -7.25
CA GLY A 241 22.09 24.06 -7.72
C GLY A 241 23.52 23.82 -7.32
N ASP A 242 24.37 24.85 -7.37
CA ASP A 242 25.76 24.72 -6.94
C ASP A 242 25.84 24.45 -5.44
N ALA A 243 24.97 25.04 -4.62
CA ALA A 243 24.96 24.74 -3.19
C ALA A 243 24.56 23.29 -2.94
N MET A 244 23.59 22.79 -3.72
CA MET A 244 23.16 21.41 -3.63
C MET A 244 24.31 20.45 -4.01
N LEU A 245 25.04 20.77 -5.08
CA LEU A 245 26.16 19.94 -5.51
C LEU A 245 27.33 20.00 -4.57
N ASP A 246 27.62 21.17 -3.99
CA ASP A 246 28.77 21.33 -3.10
C ASP A 246 28.59 20.73 -1.73
N SER A 247 27.35 20.52 -1.31
CA SER A 247 27.06 20.02 0.01
C SER A 247 27.44 18.57 0.20
N THR A 248 28.15 18.28 1.28
CA THR A 248 28.45 16.92 1.69
C THR A 248 27.19 16.16 2.07
N GLU A 249 26.29 16.83 2.78
CA GLU A 249 25.10 16.19 3.32
C GLU A 249 24.08 15.82 2.28
N VAL A 250 24.09 16.46 1.11
CA VAL A 250 23.19 16.08 0.03
C VAL A 250 23.75 14.81 -0.59
N ARG A 251 23.07 13.67 -0.39
CA ARG A 251 23.56 12.39 -0.88
C ARG A 251 22.98 11.96 -2.21
N LYS A 252 21.88 12.59 -2.63
CA LYS A 252 21.16 12.27 -3.83
C LYS A 252 20.57 13.52 -4.42
N ILE A 253 20.61 13.61 -5.74
N ILE A 253 20.61 13.61 -5.74
N ILE A 253 20.69 13.64 -5.75
CA ILE A 253 20.02 14.73 -6.45
CA ILE A 253 20.01 14.72 -6.44
CA ILE A 253 20.06 14.69 -6.53
C ILE A 253 19.13 14.18 -7.56
C ILE A 253 19.10 14.15 -7.53
C ILE A 253 19.03 14.04 -7.46
N THR A 254 17.89 14.72 -7.65
CA THR A 254 16.92 14.29 -8.66
C THR A 254 16.54 15.56 -9.44
N PHE A 255 16.56 15.47 -10.76
CA PHE A 255 16.34 16.62 -11.62
C PHE A 255 15.48 16.24 -12.81
N THR A 256 14.52 17.08 -13.16
CA THR A 256 13.78 16.94 -14.41
C THR A 256 13.85 18.31 -15.08
N GLY A 257 14.23 18.32 -16.34
CA GLY A 257 14.41 19.57 -17.06
C GLY A 257 15.25 19.39 -18.29
N SER A 258 15.87 20.47 -18.73
CA SER A 258 16.55 20.46 -20.00
C SER A 258 17.80 19.63 -20.00
N THR A 259 18.08 19.01 -21.14
CA THR A 259 19.23 18.12 -21.27
C THR A 259 20.55 18.82 -20.93
N GLY A 260 20.75 20.03 -21.43
CA GLY A 260 22.00 20.76 -21.18
C GLY A 260 22.27 21.02 -19.70
N VAL A 261 21.24 21.43 -18.97
CA VAL A 261 21.34 21.66 -17.53
C VAL A 261 21.55 20.34 -16.79
N GLY A 262 20.83 19.31 -17.19
CA GLY A 262 20.97 18.00 -16.56
C GLY A 262 22.36 17.43 -16.68
N LYS A 263 22.97 17.55 -17.86
CA LYS A 263 24.33 17.05 -18.09
C LYS A 263 25.33 17.80 -17.20
N MET A 264 25.13 19.09 -16.98
CA MET A 264 26.03 19.86 -16.10
C MET A 264 25.86 19.42 -14.64
N LEU A 265 24.65 19.13 -14.21
CA LEU A 265 24.38 18.68 -12.85
C LEU A 265 24.98 17.31 -12.62
N LEU A 266 24.88 16.42 -13.62
CA LEU A 266 25.42 15.07 -13.50
C LEU A 266 26.94 15.15 -13.39
N ALA A 267 27.57 15.98 -14.20
CA ALA A 267 29.01 16.15 -14.12
C ALA A 267 29.44 16.71 -12.73
N GLY A 268 28.71 17.70 -12.26
CA GLY A 268 29.01 18.34 -11.00
C GLY A 268 28.79 17.43 -9.80
N ALA A 269 27.85 16.50 -9.89
CA ALA A 269 27.59 15.52 -8.82
C ALA A 269 28.71 14.52 -8.64
N GLY A 270 29.55 14.36 -9.64
CA GLY A 270 30.64 13.41 -9.57
C GLY A 270 31.64 13.69 -8.48
N LYS A 271 31.86 14.97 -8.13
CA LYS A 271 32.87 15.31 -7.16
C LYS A 271 32.57 14.84 -5.77
N THR A 272 31.30 14.57 -5.42
CA THR A 272 30.94 14.00 -4.13
C THR A 272 30.27 12.65 -4.30
N VAL A 273 30.31 12.03 -5.49
CA VAL A 273 29.77 10.70 -5.73
C VAL A 273 28.31 10.59 -5.27
N LYS A 274 27.50 11.60 -5.64
CA LYS A 274 26.09 11.55 -5.30
C LYS A 274 25.33 10.54 -6.16
N LYS A 275 24.27 9.99 -5.60
CA LYS A 275 23.30 9.24 -6.37
C LYS A 275 22.53 10.30 -7.21
N VAL A 276 22.32 10.01 -8.51
CA VAL A 276 21.62 10.96 -9.37
C VAL A 276 20.56 10.24 -10.17
N SER A 277 19.34 10.83 -10.19
CA SER A 277 18.29 10.35 -11.08
C SER A 277 17.88 11.61 -11.86
N LEU A 278 17.66 11.46 -13.17
CA LEU A 278 17.20 12.59 -13.92
C LEU A 278 16.44 12.22 -15.14
N GLU A 279 15.57 13.15 -15.55
CA GLU A 279 14.71 12.96 -16.71
C GLU A 279 14.89 14.22 -17.57
N LEU A 280 15.33 14.02 -18.79
CA LEU A 280 15.76 15.09 -19.70
C LEU A 280 14.89 15.15 -20.94
N GLY A 281 15.38 15.78 -21.98
CA GLY A 281 14.60 15.90 -23.21
C GLY A 281 14.26 14.56 -23.82
N GLY A 282 13.09 14.51 -24.44
CA GLY A 282 12.67 13.39 -25.22
C GLY A 282 12.34 13.83 -26.63
N ASN A 283 12.26 12.91 -27.53
CA ASN A 283 11.84 13.25 -28.91
C ASN A 283 11.11 12.05 -29.35
N ALA A 284 9.84 11.98 -28.93
CA ALA A 284 9.10 10.76 -29.07
C ALA A 284 8.59 10.45 -30.43
N PRO A 285 8.99 9.34 -31.04
CA PRO A 285 8.40 8.94 -32.32
C PRO A 285 7.10 8.19 -32.04
N CYS A 286 6.19 8.23 -32.99
CA CYS A 286 4.95 7.54 -32.95
C CYS A 286 4.79 6.85 -34.28
N ILE A 287 4.67 5.55 -34.32
CA ILE A 287 4.54 4.81 -35.56
C ILE A 287 3.11 4.36 -35.76
N VAL A 288 2.46 4.79 -36.85
CA VAL A 288 1.13 4.35 -37.18
C VAL A 288 1.28 3.37 -38.35
N PHE A 289 1.11 2.09 -38.08
CA PHE A 289 1.22 1.05 -39.11
C PHE A 289 -0.06 0.99 -39.93
N ASP A 290 0.03 0.37 -41.11
CA ASP A 290 -1.09 0.22 -42.02
C ASP A 290 -2.28 -0.49 -41.42
N ASP A 291 -2.05 -1.40 -40.46
CA ASP A 291 -3.12 -2.15 -39.82
C ASP A 291 -3.50 -1.55 -38.47
N ALA A 292 -3.18 -0.28 -38.21
CA ALA A 292 -3.70 0.40 -37.03
C ALA A 292 -5.21 0.51 -37.13
N ASN A 293 -5.89 0.50 -36.00
CA ASN A 293 -7.30 0.86 -35.95
C ASN A 293 -7.29 2.39 -36.09
N LEU A 294 -7.83 2.88 -37.21
CA LEU A 294 -7.76 4.30 -37.53
C LEU A 294 -8.29 5.21 -36.42
N ASP A 295 -9.47 4.89 -35.87
CA ASP A 295 -10.07 5.70 -34.83
C ASP A 295 -9.17 5.75 -33.60
N VAL A 296 -8.64 4.60 -33.19
CA VAL A 296 -7.75 4.53 -32.01
C VAL A 296 -6.51 5.38 -32.23
N ALA A 297 -5.90 5.27 -33.45
CA ALA A 297 -4.72 6.05 -33.74
C ALA A 297 -4.99 7.54 -33.76
N VAL A 298 -6.11 7.94 -34.39
CA VAL A 298 -6.41 9.37 -34.43
C VAL A 298 -6.63 9.92 -33.04
N LYS A 299 -7.46 9.25 -32.25
CA LYS A 299 -7.73 9.71 -30.89
C LYS A 299 -6.49 9.71 -30.02
N GLY A 300 -5.69 8.67 -30.18
CA GLY A 300 -4.49 8.54 -29.39
C GLY A 300 -3.43 9.55 -29.70
N VAL A 301 -3.22 9.80 -31.00
CA VAL A 301 -2.24 10.80 -31.42
C VAL A 301 -2.73 12.18 -31.02
N LEU A 302 -4.04 12.47 -31.14
CA LEU A 302 -4.58 13.73 -30.69
C LEU A 302 -4.24 14.01 -29.22
N ALA A 303 -4.46 13.01 -28.38
CA ALA A 303 -4.20 13.11 -26.94
C ALA A 303 -2.69 13.19 -26.64
N GLY A 304 -1.91 12.32 -27.25
CA GLY A 304 -0.48 12.25 -27.00
C GLY A 304 0.37 13.41 -27.48
N LYS A 305 -0.15 14.12 -28.49
CA LYS A 305 0.48 15.30 -29.02
C LYS A 305 0.05 16.58 -28.32
N TYR A 306 -1.27 16.81 -28.19
CA TYR A 306 -1.75 18.14 -27.83
C TYR A 306 -2.06 18.34 -26.37
N ARG A 307 -1.96 17.32 -25.51
CA ARG A 307 -2.10 17.59 -24.06
C ARG A 307 -1.05 18.62 -23.63
N ASN A 308 -1.46 19.57 -22.78
CA ASN A 308 -0.58 20.63 -22.30
C ASN A 308 -0.02 21.45 -23.47
N SER A 309 -0.79 21.60 -24.56
CA SER A 309 -0.36 22.26 -25.79
C SER A 309 0.98 21.74 -26.31
N GLY A 310 1.22 20.44 -26.12
CA GLY A 310 2.47 19.79 -26.56
C GLY A 310 3.64 19.93 -25.60
N GLN A 311 3.42 20.49 -24.41
CA GLN A 311 4.49 20.78 -23.47
C GLN A 311 4.69 19.67 -22.43
N THR A 312 4.78 18.44 -22.89
CA THR A 312 5.00 17.29 -21.99
C THR A 312 6.24 16.62 -22.39
N VAL A 314 6.72 13.51 -22.37
CA VAL A 314 6.41 12.31 -23.17
C VAL A 314 5.58 12.62 -24.42
N CYS A 315 5.36 13.92 -24.75
N CYS A 315 5.56 13.87 -24.82
CA CYS A 315 4.53 14.29 -25.92
CA CYS A 315 4.77 14.27 -25.95
C CYS A 315 5.11 13.70 -27.18
C CYS A 315 5.18 13.56 -27.20
N ILE A 316 4.21 13.27 -28.07
CA ILE A 316 4.54 12.79 -29.40
C ILE A 316 5.23 13.95 -30.15
N ASN A 317 6.43 13.71 -30.68
CA ASN A 317 7.15 14.75 -31.40
C ASN A 317 7.12 14.56 -32.89
N LYS A 318 7.06 13.31 -33.37
CA LYS A 318 7.06 13.04 -34.80
C LYS A 318 6.32 11.77 -35.05
N ILE A 319 5.52 11.76 -36.10
CA ILE A 319 4.62 10.65 -36.39
C ILE A 319 5.04 10.06 -37.70
N PHE A 320 5.37 8.78 -37.69
CA PHE A 320 5.71 8.00 -38.87
C PHE A 320 4.46 7.26 -39.27
N VAL A 321 3.97 7.49 -40.50
CA VAL A 321 2.71 6.92 -40.95
C VAL A 321 2.94 6.05 -42.17
N GLN A 322 2.53 4.80 -42.10
CA GLN A 322 2.80 3.85 -43.18
C GLN A 322 2.00 4.21 -44.43
N ASP A 323 2.64 3.97 -45.60
CA ASP A 323 2.10 4.44 -46.88
C ASP A 323 0.62 4.13 -47.14
N GLY A 324 0.18 2.95 -46.80
CA GLY A 324 -1.20 2.53 -47.05
C GLY A 324 -2.27 3.26 -46.25
N ILE A 325 -1.94 3.72 -45.07
CA ILE A 325 -2.91 4.43 -44.20
C ILE A 325 -2.68 5.95 -44.20
N TYR A 326 -1.61 6.47 -44.84
CA TYR A 326 -1.26 7.88 -44.77
C TYR A 326 -2.42 8.83 -45.05
N ASP A 327 -3.03 8.68 -46.24
CA ASP A 327 -4.08 9.62 -46.60
C ASP A 327 -5.28 9.61 -45.66
N LYS A 328 -5.76 8.44 -45.27
CA LYS A 328 -6.90 8.35 -44.38
C LYS A 328 -6.54 8.88 -43.00
N PHE A 329 -5.32 8.59 -42.50
CA PHE A 329 -4.90 9.13 -41.22
C PHE A 329 -4.81 10.64 -41.26
N ALA A 330 -4.13 11.19 -42.28
CA ALA A 330 -3.93 12.63 -42.35
C ALA A 330 -5.25 13.38 -42.38
N GLU A 331 -6.24 12.85 -43.11
CA GLU A 331 -7.55 13.49 -43.20
C GLU A 331 -8.30 13.45 -41.87
N ALA A 332 -8.36 12.27 -41.23
CA ALA A 332 -9.10 12.13 -39.98
C ALA A 332 -8.40 12.87 -38.83
N PHE A 333 -7.07 12.87 -38.84
CA PHE A 333 -6.30 13.56 -37.81
C PHE A 333 -6.47 15.06 -37.89
N ALA A 334 -6.48 15.60 -39.13
CA ALA A 334 -6.74 17.04 -39.29
C ALA A 334 -8.11 17.42 -38.76
N LYS A 335 -9.13 16.60 -39.04
CA LYS A 335 -10.48 16.88 -38.55
C LYS A 335 -10.51 16.88 -37.01
N ALA A 336 -9.77 15.94 -36.39
CA ALA A 336 -9.73 15.88 -34.93
C ALA A 336 -9.09 17.15 -34.35
N VAL A 337 -7.96 17.54 -34.93
CA VAL A 337 -7.20 18.69 -34.45
C VAL A 337 -8.00 19.99 -34.61
N SER A 338 -8.83 20.05 -35.66
CA SER A 338 -9.67 21.24 -35.91
C SER A 338 -10.66 21.52 -34.76
N GLY A 339 -10.95 20.53 -33.95
CA GLY A 339 -11.84 20.68 -32.82
C GLY A 339 -11.24 21.40 -31.63
N LEU A 340 -9.90 21.47 -31.55
CA LEU A 340 -9.25 22.09 -30.40
C LEU A 340 -9.51 23.57 -30.33
N ARG A 341 -9.52 24.15 -29.12
CA ARG A 341 -9.88 25.56 -28.90
C ARG A 341 -8.95 26.20 -27.91
N ALA A 342 -8.24 27.22 -28.33
CA ALA A 342 -7.27 27.89 -27.48
C ALA A 342 -7.90 28.99 -26.66
N GLY A 343 -7.33 29.22 -25.50
CA GLY A 343 -7.80 30.29 -24.64
C GLY A 343 -7.32 30.19 -23.22
N ASN A 344 -7.93 31.02 -22.39
CA ASN A 344 -7.63 31.03 -20.98
C ASN A 344 -8.17 29.76 -20.34
N GLY A 345 -7.32 29.06 -19.59
CA GLY A 345 -7.70 27.81 -18.98
C GLY A 345 -8.78 27.81 -17.94
N LEU A 346 -9.13 28.99 -17.44
CA LEU A 346 -10.27 29.15 -16.53
C LEU A 346 -11.59 29.33 -17.31
N GLU A 347 -11.57 29.36 -18.65
CA GLU A 347 -12.81 29.44 -19.40
C GLU A 347 -13.22 28.02 -19.76
N PRO A 348 -14.46 27.57 -19.41
CA PRO A 348 -14.88 26.23 -19.82
C PRO A 348 -14.95 26.10 -21.36
N GLY A 349 -14.68 24.90 -21.84
CA GLY A 349 -14.66 24.65 -23.28
C GLY A 349 -13.30 24.88 -23.94
N ILE A 350 -12.34 25.43 -23.22
CA ILE A 350 -11.01 25.67 -23.77
C ILE A 350 -10.20 24.40 -23.56
N THR A 351 -9.48 23.99 -24.62
CA THR A 351 -8.66 22.79 -24.63
C THR A 351 -7.18 23.00 -24.99
N GLN A 352 -6.73 24.22 -25.24
CA GLN A 352 -5.32 24.53 -25.46
C GLN A 352 -4.98 25.80 -24.72
N GLY A 353 -3.99 25.75 -23.86
CA GLY A 353 -3.50 26.93 -23.18
C GLY A 353 -2.31 27.54 -23.90
N PRO A 354 -1.82 28.66 -23.38
CA PRO A 354 -0.70 29.32 -24.01
C PRO A 354 0.61 28.62 -23.74
N LEU A 355 1.61 28.81 -24.62
CA LEU A 355 2.96 28.33 -24.36
C LEU A 355 3.53 29.11 -23.19
N ILE A 356 4.46 28.51 -22.46
CA ILE A 356 4.89 29.07 -21.19
C ILE A 356 5.48 30.48 -21.30
N ASN A 357 6.23 30.74 -22.35
CA ASN A 357 6.87 32.05 -22.51
C ASN A 357 7.26 32.30 -23.96
N GLU A 358 7.79 33.51 -24.23
CA GLU A 358 8.15 33.90 -25.57
C GLU A 358 9.26 33.05 -26.16
N THR A 359 10.20 32.58 -25.36
CA THR A 359 11.27 31.68 -25.83
C THR A 359 10.67 30.40 -26.40
N ALA A 360 9.65 29.86 -25.70
CA ALA A 360 8.98 28.65 -26.18
C ALA A 360 8.26 28.91 -27.51
N LEU A 361 7.56 30.04 -27.62
CA LEU A 361 6.85 30.40 -28.84
C LEU A 361 7.84 30.53 -30.01
N GLU A 362 8.99 31.17 -29.76
CA GLU A 362 9.98 31.39 -30.81
C GLU A 362 10.56 30.06 -31.29
N LYS A 363 10.74 29.09 -30.39
CA LYS A 363 11.23 27.77 -30.78
C LYS A 363 10.20 27.09 -31.68
N VAL A 364 8.90 27.16 -31.31
CA VAL A 364 7.84 26.59 -32.17
C VAL A 364 7.86 27.23 -33.56
N GLU A 365 7.94 28.56 -33.63
CA GLU A 365 7.98 29.26 -34.90
C GLU A 365 9.22 28.86 -35.71
N ARG A 366 10.37 28.68 -35.07
CA ARG A 366 11.60 28.24 -35.72
C ARG A 366 11.47 26.83 -36.33
N HIS A 367 10.83 25.92 -35.59
CA HIS A 367 10.60 24.58 -36.08
C HIS A 367 9.66 24.57 -37.30
N VAL A 368 8.58 25.36 -37.25
CA VAL A 368 7.59 25.38 -38.31
C VAL A 368 8.21 25.99 -39.57
N GLN A 369 8.92 27.11 -39.41
CA GLN A 369 9.58 27.81 -40.53
C GLN A 369 10.61 26.88 -41.18
N ASP A 370 11.42 26.18 -40.38
CA ASP A 370 12.41 25.25 -40.92
C ASP A 370 11.74 24.13 -41.72
N ALA A 371 10.66 23.54 -41.17
CA ALA A 371 9.96 22.47 -41.86
C ALA A 371 9.37 22.92 -43.20
N VAL A 372 8.69 24.06 -43.22
CA VAL A 372 8.05 24.58 -44.43
C VAL A 372 9.15 24.93 -45.48
N SER A 373 10.30 25.45 -45.03
CA SER A 373 11.42 25.74 -45.94
C SER A 373 12.04 24.48 -46.58
N LYS A 374 11.87 23.32 -45.94
CA LYS A 374 12.37 22.04 -46.44
C LYS A 374 11.27 21.19 -47.09
N GLY A 375 10.12 21.77 -47.43
CA GLY A 375 9.06 21.07 -48.14
C GLY A 375 7.83 20.58 -47.39
N ALA A 376 7.75 20.82 -46.06
CA ALA A 376 6.57 20.38 -45.33
C ALA A 376 5.34 21.15 -45.75
N LYS A 377 4.20 20.50 -45.74
CA LYS A 377 2.92 21.10 -46.09
C LYS A 377 2.11 21.39 -44.80
N VAL A 378 1.68 22.63 -44.62
CA VAL A 378 0.82 22.96 -43.50
C VAL A 378 -0.58 22.45 -43.79
N LEU A 379 -1.02 21.39 -43.09
CA LEU A 379 -2.35 20.82 -43.24
C LEU A 379 -3.39 21.55 -42.39
N VAL A 380 -2.99 22.03 -41.21
N VAL A 380 -3.00 21.97 -41.16
N VAL A 380 -3.03 21.97 -41.17
CA VAL A 380 -3.84 22.84 -40.32
CA VAL A 380 -3.81 22.71 -40.18
CA VAL A 380 -3.85 22.79 -40.27
C VAL A 380 -2.89 23.69 -39.45
C VAL A 380 -2.86 23.69 -39.46
C VAL A 380 -2.87 23.70 -39.49
N GLY A 381 -3.35 24.89 -39.09
CA GLY A 381 -2.57 25.83 -38.30
C GLY A 381 -1.38 26.50 -38.94
N GLY A 382 -0.24 26.44 -38.28
CA GLY A 382 1.03 26.94 -38.79
C GLY A 382 1.25 28.42 -38.59
N LYS A 383 0.58 29.02 -37.60
CA LYS A 383 0.80 30.41 -37.27
C LYS A 383 0.42 30.69 -35.83
N ARG A 384 0.82 31.86 -35.32
CA ARG A 384 0.39 32.33 -34.01
C ARG A 384 -1.12 32.47 -34.01
N HIS A 385 -1.74 32.12 -32.89
CA HIS A 385 -3.18 32.20 -32.75
C HIS A 385 -3.60 33.69 -32.70
N SER A 386 -4.83 33.95 -33.10
CA SER A 386 -5.38 35.32 -33.08
C SER A 386 -5.39 35.93 -31.69
N LEU A 387 -5.40 35.11 -30.62
CA LEU A 387 -5.28 35.64 -29.26
C LEU A 387 -3.97 36.32 -28.97
N GLY A 388 -2.94 36.05 -29.75
CA GLY A 388 -1.65 36.63 -29.51
C GLY A 388 -1.01 36.04 -28.28
N ARG A 389 -0.21 36.86 -27.55
CA ARG A 389 0.60 36.44 -26.42
C ARG A 389 1.45 35.23 -26.88
N THR A 390 1.37 34.08 -26.18
CA THR A 390 2.12 32.90 -26.56
C THR A 390 1.20 31.75 -27.01
N PHE A 391 0.00 32.07 -27.48
CA PHE A 391 -0.89 31.09 -28.04
C PHE A 391 -0.48 30.76 -29.48
N TYR A 392 -0.41 29.46 -29.79
CA TYR A 392 -0.03 29.02 -31.14
C TYR A 392 -1.10 28.08 -31.66
N GLU A 393 -1.49 28.23 -32.93
CA GLU A 393 -2.51 27.38 -33.47
C GLU A 393 -2.06 25.91 -33.50
N PRO A 394 -2.91 24.96 -33.06
CA PRO A 394 -2.58 23.54 -33.26
C PRO A 394 -2.30 23.26 -34.73
N THR A 395 -1.16 22.65 -35.00
CA THR A 395 -0.62 22.50 -36.34
C THR A 395 -0.32 21.08 -36.70
N ILE A 396 -0.49 20.77 -37.98
CA ILE A 396 -0.08 19.50 -38.55
C ILE A 396 0.76 19.86 -39.78
N LEU A 397 1.94 19.26 -39.88
CA LEU A 397 2.88 19.42 -41.00
C LEU A 397 2.98 18.08 -41.72
N GLY A 398 2.43 18.03 -42.91
CA GLY A 398 2.53 16.86 -43.77
C GLY A 398 3.84 16.88 -44.53
N ASN A 399 4.23 15.73 -45.09
CA ASN A 399 5.45 15.64 -45.90
C ASN A 399 6.69 16.07 -45.17
N ALA A 400 6.80 15.68 -43.87
CA ALA A 400 7.98 15.96 -43.08
C ALA A 400 9.12 14.98 -43.41
N SER A 401 10.34 15.34 -43.02
CA SER A 401 11.51 14.51 -43.30
C SER A 401 12.57 14.60 -42.20
N ASP A 402 13.55 13.66 -42.26
CA ASP A 402 14.63 13.56 -41.31
C ASP A 402 15.67 14.69 -41.35
N GLU A 403 15.59 15.59 -42.30
CA GLU A 403 16.48 16.76 -42.34
C GLU A 403 15.89 17.95 -41.57
N MET A 404 14.63 17.84 -41.07
CA MET A 404 13.97 18.96 -40.44
C MET A 404 14.32 19.07 -38.99
N LEU A 405 14.38 20.30 -38.49
CA LEU A 405 14.69 20.56 -37.09
C LEU A 405 13.69 19.87 -36.17
N ILE A 406 12.41 19.85 -36.57
CA ILE A 406 11.38 19.19 -35.75
C ILE A 406 11.53 17.66 -35.67
N PHE A 407 12.18 17.05 -36.67
CA PHE A 407 12.49 15.62 -36.61
C PHE A 407 13.64 15.37 -35.62
N ARG A 408 14.62 16.27 -35.61
CA ARG A 408 15.86 16.07 -34.84
C ARG A 408 15.82 16.56 -33.41
N GLU A 409 14.98 17.57 -33.12
CA GLU A 409 14.91 18.22 -31.83
C GLU A 409 13.49 18.28 -31.28
N GLU A 410 13.39 18.37 -29.96
CA GLU A 410 12.12 18.42 -29.19
C GLU A 410 11.46 19.78 -29.39
N VAL A 411 10.24 19.80 -29.97
CA VAL A 411 9.55 21.06 -30.24
C VAL A 411 8.86 21.65 -29.00
N PHE A 412 8.32 20.80 -28.14
CA PHE A 412 7.60 21.26 -26.94
C PHE A 412 6.48 22.29 -27.27
N GLY A 413 5.66 21.94 -28.25
CA GLY A 413 4.57 22.76 -28.70
C GLY A 413 3.60 22.01 -29.57
N PRO A 414 2.50 22.69 -29.97
CA PRO A 414 1.36 21.99 -30.60
C PRO A 414 1.51 21.79 -32.08
N VAL A 415 2.59 21.09 -32.45
CA VAL A 415 2.94 20.86 -33.84
C VAL A 415 3.23 19.38 -34.06
N ALA A 416 2.51 18.78 -35.00
CA ALA A 416 2.60 17.38 -35.33
C ALA A 416 3.10 17.19 -36.75
N PRO A 417 4.34 16.72 -36.92
CA PRO A 417 4.87 16.44 -38.27
C PRO A 417 4.65 15.00 -38.65
N LEU A 418 4.22 14.76 -39.89
CA LEU A 418 3.94 13.44 -40.42
C LEU A 418 4.98 13.02 -41.42
N VAL A 419 5.56 11.86 -41.22
CA VAL A 419 6.64 11.30 -42.06
C VAL A 419 6.12 10.00 -42.65
N ARG A 420 6.03 9.93 -43.97
CA ARG A 420 5.60 8.71 -44.63
C ARG A 420 6.73 7.66 -44.62
N PHE A 421 6.37 6.38 -44.46
CA PHE A 421 7.37 5.30 -44.53
C PHE A 421 6.74 4.11 -45.24
N ASN A 422 7.59 3.21 -45.75
CA ASN A 422 7.14 2.02 -46.46
CA ASN A 422 7.16 2.02 -46.47
C ASN A 422 7.13 0.75 -45.60
N THR A 423 8.26 0.33 -45.03
CA THR A 423 8.32 -0.94 -44.30
C THR A 423 8.41 -0.78 -42.80
N ASP A 424 7.97 -1.82 -42.08
CA ASP A 424 8.07 -1.81 -40.63
C ASP A 424 9.51 -1.61 -40.15
N GLU A 425 10.44 -2.32 -40.78
CA GLU A 425 11.84 -2.26 -40.36
C GLU A 425 12.41 -0.84 -40.54
N GLU A 426 12.03 -0.18 -41.62
CA GLU A 426 12.44 1.20 -41.89
C GLU A 426 11.99 2.14 -40.76
N ALA A 427 10.72 2.03 -40.37
CA ALA A 427 10.20 2.90 -39.31
C ALA A 427 10.87 2.66 -37.97
N ILE A 428 11.11 1.40 -37.63
CA ILE A 428 11.70 1.06 -36.32
C ILE A 428 13.15 1.54 -36.28
N LYS A 429 13.90 1.32 -37.35
CA LYS A 429 15.30 1.79 -37.41
C LYS A 429 15.35 3.31 -37.34
N LEU A 430 14.42 4.00 -38.00
CA LEU A 430 14.37 5.44 -37.96
C LEU A 430 14.04 5.91 -36.55
N ALA A 431 13.03 5.27 -35.93
CA ALA A 431 12.61 5.65 -34.57
C ALA A 431 13.75 5.50 -33.55
N ASN A 432 14.60 4.50 -33.75
CA ASN A 432 15.75 4.20 -32.88
C ASN A 432 17.04 4.93 -33.22
N ASN A 433 17.04 5.79 -34.23
CA ASN A 433 18.28 6.42 -34.69
C ASN A 433 18.59 7.74 -34.03
N SER A 434 18.26 7.91 -32.76
CA SER A 434 18.56 9.16 -32.06
C SER A 434 19.20 8.86 -30.71
N GLU A 435 19.65 9.90 -30.04
CA GLU A 435 20.18 9.82 -28.68
C GLU A 435 19.09 10.02 -27.62
N PHE A 436 17.84 10.25 -28.04
CA PHE A 436 16.74 10.35 -27.11
C PHE A 436 16.26 8.94 -26.78
N GLY A 437 15.53 8.80 -25.68
CA GLY A 437 15.09 7.48 -25.23
C GLY A 437 14.04 7.52 -24.14
N LEU A 438 13.14 8.49 -24.20
CA LEU A 438 12.11 8.66 -23.18
C LEU A 438 10.88 7.90 -23.60
N ALA A 439 9.88 8.53 -24.25
CA ALA A 439 8.67 7.83 -24.68
C ALA A 439 8.70 7.57 -26.20
N ALA A 440 7.95 6.57 -26.61
CA ALA A 440 7.64 6.28 -28.01
C ALA A 440 6.28 5.62 -28.04
N TYR A 441 5.66 5.60 -29.22
CA TYR A 441 4.31 5.13 -29.38
C TYR A 441 4.17 4.33 -30.69
N ALA A 442 3.24 3.40 -30.69
CA ALA A 442 2.95 2.60 -31.88
C ALA A 442 1.50 2.19 -31.91
N PHE A 443 0.93 2.11 -33.13
CA PHE A 443 -0.45 1.70 -33.32
C PHE A 443 -0.51 0.61 -34.37
N THR A 444 -0.97 -0.56 -33.97
CA THR A 444 -1.13 -1.74 -34.83
C THR A 444 -2.13 -2.68 -34.15
N GLU A 445 -2.98 -3.32 -34.92
CA GLU A 445 -3.91 -4.30 -34.37
C GLU A 445 -3.32 -5.69 -34.26
N ASN A 446 -2.15 -5.95 -34.85
CA ASN A 446 -1.59 -7.29 -34.91
C ASN A 446 -0.77 -7.61 -33.68
N ILE A 447 -1.03 -8.80 -33.08
CA ILE A 447 -0.32 -9.21 -31.87
C ILE A 447 1.18 -9.34 -32.07
N THR A 448 1.64 -10.01 -33.14
CA THR A 448 3.05 -10.20 -33.38
C THR A 448 3.73 -8.85 -33.63
N ARG A 449 3.14 -8.03 -34.49
CA ARG A 449 3.75 -6.75 -34.83
C ARG A 449 3.82 -5.83 -33.60
N GLY A 450 2.76 -5.82 -32.80
CA GLY A 450 2.70 -4.96 -31.62
C GLY A 450 3.74 -5.32 -30.60
N TRP A 451 3.86 -6.60 -30.31
CA TRP A 451 4.88 -7.03 -29.33
C TRP A 451 6.27 -6.74 -29.89
N ARG A 452 6.48 -7.02 -31.17
CA ARG A 452 7.79 -6.77 -31.81
C ARG A 452 8.21 -5.33 -31.73
N VAL A 453 7.31 -4.41 -32.06
CA VAL A 453 7.66 -2.99 -32.01
C VAL A 453 7.93 -2.55 -30.59
N ALA A 454 7.11 -3.01 -29.64
CA ALA A 454 7.32 -2.62 -28.24
C ALA A 454 8.68 -3.12 -27.75
N GLU A 455 9.05 -4.35 -28.10
CA GLU A 455 10.37 -4.88 -27.71
C GLU A 455 11.49 -4.16 -28.40
N SER A 456 11.33 -3.81 -29.67
CA SER A 456 12.39 -3.21 -30.45
C SER A 456 12.74 -1.77 -30.12
N LEU A 457 11.76 -0.99 -29.68
CA LEU A 457 11.96 0.42 -29.46
C LEU A 457 12.91 0.69 -28.32
N GLU A 458 13.90 1.56 -28.55
CA GLU A 458 14.94 1.86 -27.56
C GLU A 458 14.52 3.07 -26.75
N PHE A 459 13.42 2.89 -26.02
CA PHE A 459 12.78 3.94 -25.22
C PHE A 459 12.33 3.38 -23.90
N GLY A 460 12.35 4.23 -22.88
CA GLY A 460 11.94 3.83 -21.54
C GLY A 460 10.47 3.58 -21.36
N MET A 461 9.64 4.16 -22.24
N MET A 461 9.63 4.15 -22.25
CA MET A 461 8.20 3.94 -22.18
CA MET A 461 8.17 4.02 -22.14
C MET A 461 7.68 3.83 -23.59
C MET A 461 7.59 3.91 -23.55
N VAL A 462 6.74 2.91 -23.77
CA VAL A 462 6.09 2.67 -25.06
C VAL A 462 4.59 2.63 -24.86
N GLY A 463 3.87 3.45 -25.60
CA GLY A 463 2.42 3.34 -25.67
C GLY A 463 2.06 2.52 -26.89
N LEU A 464 1.38 1.41 -26.72
CA LEU A 464 0.98 0.51 -27.80
C LEU A 464 -0.53 0.59 -27.89
N ASN A 465 -1.05 1.25 -28.93
CA ASN A 465 -2.48 1.52 -29.06
C ASN A 465 -2.97 2.42 -27.91
N GLU A 466 -2.10 3.31 -27.45
CA GLU A 466 -2.37 4.21 -26.33
C GLU A 466 -1.57 5.47 -26.51
N GLY A 467 -2.23 6.61 -26.45
CA GLY A 467 -1.57 7.91 -26.48
C GLY A 467 -1.39 8.58 -25.12
N LEU A 468 -2.05 8.06 -24.06
CA LEU A 468 -1.97 8.60 -22.70
C LEU A 468 -1.44 7.51 -21.76
N ILE A 469 -0.17 7.55 -21.47
CA ILE A 469 0.48 6.45 -20.73
C ILE A 469 0.80 6.78 -19.30
N SER A 470 0.73 8.05 -18.89
CA SER A 470 1.15 8.46 -17.55
C SER A 470 0.37 7.81 -16.43
N THR A 471 1.12 7.35 -15.42
CA THR A 471 0.57 6.68 -14.24
C THR A 471 1.63 6.59 -13.16
N GLU A 472 1.23 6.62 -11.91
CA GLU A 472 2.18 6.48 -10.81
C GLU A 472 2.61 5.05 -10.57
N VAL A 473 1.92 4.07 -11.14
CA VAL A 473 2.17 2.67 -10.83
C VAL A 473 3.27 2.02 -11.64
N ALA A 474 3.75 2.72 -12.68
CA ALA A 474 4.71 2.18 -13.60
C ALA A 474 5.94 3.05 -13.65
N PRO A 475 7.09 2.44 -13.99
CA PRO A 475 8.35 3.20 -13.98
C PRO A 475 8.54 4.09 -15.19
N PHE A 476 8.73 5.36 -14.95
CA PHE A 476 8.93 6.37 -15.98
C PHE A 476 10.37 6.89 -15.92
N GLY A 477 11.00 6.95 -17.08
CA GLY A 477 12.32 7.53 -17.21
C GLY A 477 12.93 7.19 -18.55
N GLY A 478 14.12 7.71 -18.76
CA GLY A 478 14.73 7.61 -20.06
C GLY A 478 15.95 6.73 -20.20
N MET A 479 16.12 6.20 -21.37
CA MET A 479 17.30 5.48 -21.84
C MET A 479 18.20 6.51 -22.57
N LYS A 480 19.42 6.09 -22.93
CA LYS A 480 20.35 6.91 -23.70
C LYS A 480 20.55 8.27 -23.06
N GLN A 481 20.42 9.38 -23.77
CA GLN A 481 20.63 10.69 -23.20
C GLN A 481 19.36 11.31 -22.61
N SER A 482 18.28 10.54 -22.46
CA SER A 482 17.07 11.05 -21.85
C SER A 482 16.99 10.90 -20.36
N GLY A 483 17.94 10.20 -19.73
CA GLY A 483 17.95 10.16 -18.28
C GLY A 483 18.59 8.99 -17.64
N LEU A 484 18.44 8.95 -16.33
CA LEU A 484 18.90 7.90 -15.44
C LEU A 484 17.85 7.72 -14.37
N GLY A 485 17.59 6.48 -14.01
CA GLY A 485 16.66 6.19 -12.94
C GLY A 485 15.21 6.23 -13.39
N ARG A 486 14.30 5.87 -12.48
CA ARG A 486 12.89 5.82 -12.75
C ARG A 486 12.07 6.46 -11.65
N GLU A 487 10.89 6.95 -12.00
CA GLU A 487 9.89 7.57 -11.13
C GLU A 487 8.56 6.83 -11.31
N GLY A 488 7.87 6.60 -10.22
CA GLY A 488 6.69 5.75 -10.20
C GLY A 488 7.08 4.29 -10.04
N SER A 489 6.13 3.47 -9.61
CA SER A 489 6.25 2.02 -9.38
C SER A 489 7.10 1.71 -8.15
N LYS A 490 7.15 0.43 -7.79
CA LYS A 490 8.00 0.02 -6.68
C LYS A 490 9.46 0.44 -6.89
N TYR A 491 9.90 0.46 -8.15
CA TYR A 491 11.27 0.74 -8.47
C TYR A 491 11.66 2.19 -8.16
N GLY A 492 10.69 3.11 -8.19
CA GLY A 492 10.95 4.50 -7.92
C GLY A 492 11.49 4.71 -6.51
N LEU A 493 11.12 3.85 -5.57
CA LEU A 493 11.58 4.02 -4.21
C LEU A 493 13.06 3.65 -4.03
N ASP A 494 13.56 2.75 -4.86
CA ASP A 494 14.96 2.32 -4.80
C ASP A 494 15.97 3.42 -5.06
N GLU A 495 15.55 4.46 -5.80
CA GLU A 495 16.36 5.61 -6.06
C GLU A 495 16.73 6.36 -4.77
N TYR A 496 15.96 6.16 -3.69
CA TYR A 496 16.14 6.87 -2.45
C TYR A 496 16.67 5.99 -1.30
N LEU A 497 17.13 4.80 -1.64
CA LEU A 497 17.63 3.83 -0.69
C LEU A 497 19.04 3.42 -1.03
N GLU A 498 19.78 3.00 -0.01
CA GLU A 498 21.08 2.37 -0.13
C GLU A 498 20.93 0.92 0.36
N MET A 499 21.47 -0.01 -0.40
CA MET A 499 21.52 -1.41 0.02
C MET A 499 22.70 -1.63 0.96
N LYS A 500 22.49 -2.51 1.93
CA LYS A 500 23.52 -2.90 2.88
C LYS A 500 23.49 -4.42 3.00
N TYR A 501 24.62 -5.05 2.75
CA TYR A 501 24.78 -6.47 2.94
C TYR A 501 25.35 -6.68 4.36
N VAL A 502 24.71 -7.50 5.17
CA VAL A 502 25.18 -7.82 6.51
C VAL A 502 25.49 -9.31 6.51
N CYS A 503 26.74 -9.66 6.85
CA CYS A 503 27.21 -11.04 6.93
C CYS A 503 27.42 -11.37 8.39
N LEU A 504 26.62 -12.30 8.92
CA LEU A 504 26.77 -12.79 10.29
C LEU A 504 27.66 -14.01 10.25
N GLY A 505 28.73 -14.04 11.02
CA GLY A 505 29.62 -15.17 11.09
C GLY A 505 29.52 -15.94 12.39
N ASN A 506 30.28 -17.01 12.48
CA ASN A 506 30.33 -17.89 13.63
C ASN A 506 28.95 -18.43 13.98
N MET A 507 28.19 -18.78 12.94
CA MET A 507 26.85 -19.29 13.12
C MET A 507 26.85 -20.79 13.18
N ALA A 508 25.86 -21.33 13.88
CA ALA A 508 25.79 -22.74 14.20
C ALA A 508 24.84 -23.48 13.26
N GLN A 509 25.01 -24.80 13.20
CA GLN A 509 24.13 -25.61 12.38
C GLN A 509 22.82 -25.81 13.15
N PRO A 510 21.68 -25.86 12.44
CA PRO A 510 20.43 -26.19 13.13
C PRO A 510 20.48 -27.57 13.80
N VAL A 511 19.69 -27.75 14.87
CA VAL A 511 19.63 -28.96 15.66
C VAL A 511 18.57 -29.91 15.15
N GLY A 512 18.93 -31.19 15.08
CA GLY A 512 18.02 -32.31 14.80
C GLY A 512 17.40 -32.32 13.44
N SER B 11 -41.81 -0.73 43.46
CA SER B 11 -40.99 0.26 42.80
C SER B 11 -41.39 0.52 41.34
N SER B 12 -41.07 1.73 40.84
CA SER B 12 -41.16 2.12 39.46
C SER B 12 -39.75 2.28 38.95
N GLY B 13 -39.55 1.98 37.68
CA GLY B 13 -38.26 2.16 37.06
C GLY B 13 -37.92 1.04 36.10
N LEU B 14 -36.89 1.29 35.38
CA LEU B 14 -36.33 0.32 34.40
C LEU B 14 -35.82 -0.92 35.07
N VAL B 15 -36.26 -2.09 34.57
CA VAL B 15 -35.77 -3.40 34.99
C VAL B 15 -35.09 -4.02 33.75
N PRO B 16 -33.78 -3.83 33.62
CA PRO B 16 -33.08 -4.43 32.48
C PRO B 16 -33.01 -5.93 32.63
N ARG B 17 -32.95 -6.63 31.49
CA ARG B 17 -32.72 -8.08 31.51
C ARG B 17 -31.22 -8.33 31.69
N GLY B 18 -30.33 -7.43 31.23
CA GLY B 18 -28.90 -7.58 31.38
C GLY B 18 -28.23 -6.50 32.20
N SER B 19 -26.96 -6.73 32.55
CA SER B 19 -26.13 -5.84 33.39
C SER B 19 -25.42 -4.72 32.67
N HIS B 20 -25.43 -4.72 31.34
CA HIS B 20 -24.72 -3.69 30.58
C HIS B 20 -25.60 -3.07 29.55
N MET B 21 -26.84 -2.71 29.98
CA MET B 21 -27.76 -2.10 29.05
C MET B 21 -27.25 -0.81 28.44
N GLY B 22 -26.58 0.05 29.20
CA GLY B 22 -26.09 1.31 28.65
C GLY B 22 -25.13 1.09 27.50
N THR B 23 -24.23 0.09 27.68
CA THR B 23 -23.29 -0.26 26.62
C THR B 23 -24.04 -0.82 25.42
N MET B 24 -24.98 -1.73 25.63
CA MET B 24 -25.73 -2.30 24.49
C MET B 24 -26.56 -1.24 23.78
N VAL B 25 -27.17 -0.29 24.54
CA VAL B 25 -27.92 0.80 23.92
C VAL B 25 -26.99 1.67 23.07
N GLN B 26 -25.79 1.96 23.57
CA GLN B 26 -24.85 2.78 22.79
C GLN B 26 -24.42 2.06 21.49
N LEU B 27 -24.17 0.74 21.60
CA LEU B 27 -23.86 -0.05 20.41
C LEU B 27 -25.01 -0.05 19.40
N ASN B 28 -26.25 -0.20 19.89
CA ASN B 28 -27.42 -0.21 19.03
C ASN B 28 -27.62 1.14 18.38
N GLU B 29 -27.43 2.23 19.12
CA GLU B 29 -27.55 3.60 18.57
C GLU B 29 -26.52 3.84 17.49
N ALA B 30 -25.34 3.23 17.62
CA ALA B 30 -24.29 3.32 16.60
C ALA B 30 -24.51 2.41 15.39
N GLY B 31 -25.56 1.60 15.39
CA GLY B 31 -25.88 0.70 14.31
C GLY B 31 -25.05 -0.56 14.29
N LEU B 32 -24.48 -0.91 15.44
CA LEU B 32 -23.55 -2.04 15.53
C LEU B 32 -24.08 -3.27 16.24
N PHE B 33 -25.37 -3.27 16.62
CA PHE B 33 -25.96 -4.37 17.35
C PHE B 33 -26.98 -5.08 16.47
N LYS B 34 -26.61 -6.22 15.93
CA LYS B 34 -27.45 -6.93 14.98
C LYS B 34 -27.95 -8.26 15.50
N SER B 35 -29.13 -8.62 15.06
CA SER B 35 -29.79 -9.86 15.48
C SER B 35 -30.20 -10.73 14.26
N GLN B 36 -29.65 -10.41 13.07
CA GLN B 36 -29.94 -11.10 11.83
C GLN B 36 -28.64 -11.35 11.09
N GLY B 37 -28.69 -12.33 10.20
CA GLY B 37 -27.61 -12.60 9.27
C GLY B 37 -27.73 -11.71 8.05
N LEU B 38 -26.77 -11.81 7.14
CA LEU B 38 -26.69 -10.98 5.97
C LEU B 38 -26.52 -11.82 4.74
N ILE B 39 -27.51 -11.82 3.86
CA ILE B 39 -27.47 -12.56 2.61
C ILE B 39 -27.81 -11.60 1.53
N GLY B 40 -26.85 -11.31 0.65
CA GLY B 40 -27.08 -10.38 -0.43
C GLY B 40 -27.46 -9.00 0.07
N ASP B 41 -28.58 -8.48 -0.45
CA ASP B 41 -29.02 -7.15 -0.07
C ASP B 41 -30.03 -7.11 1.07
N LYS B 42 -30.08 -8.17 1.85
CA LYS B 42 -31.02 -8.22 2.96
C LYS B 42 -30.42 -8.75 4.24
N TRP B 43 -30.84 -8.17 5.37
CA TRP B 43 -30.61 -8.71 6.69
C TRP B 43 -31.75 -9.69 6.90
N VAL B 44 -31.44 -10.92 7.27
CA VAL B 44 -32.41 -12.00 7.29
C VAL B 44 -32.43 -12.83 8.56
N ASP B 45 -33.60 -13.41 8.81
CA ASP B 45 -33.77 -14.43 9.80
C ASP B 45 -33.53 -15.83 9.16
N ALA B 46 -33.55 -16.88 9.97
CA ALA B 46 -33.52 -18.24 9.48
C ALA B 46 -34.88 -18.50 8.75
N GLU B 47 -34.92 -19.49 7.89
CA GLU B 47 -36.14 -19.76 7.11
C GLU B 47 -37.34 -20.10 7.98
N ASN B 48 -37.11 -20.72 9.13
CA ASN B 48 -38.21 -21.03 10.05
C ASN B 48 -38.28 -20.13 11.30
N GLY B 49 -37.50 -19.05 11.31
CA GLY B 49 -37.47 -18.15 12.44
C GLY B 49 -36.79 -18.65 13.70
N HIS B 50 -36.19 -19.85 13.66
CA HIS B 50 -35.49 -20.33 14.83
C HIS B 50 -34.26 -19.51 15.13
N THR B 51 -33.92 -19.44 16.41
CA THR B 51 -32.79 -18.65 16.83
C THR B 51 -31.96 -19.40 17.88
N LEU B 52 -30.80 -18.83 18.20
CA LEU B 52 -29.92 -19.31 19.26
C LEU B 52 -29.51 -18.09 20.09
N PRO B 53 -29.35 -18.26 21.42
CA PRO B 53 -28.92 -17.13 22.26
C PRO B 53 -27.40 -16.93 22.17
N VAL B 54 -26.98 -15.67 22.29
CA VAL B 54 -25.59 -15.26 22.45
C VAL B 54 -25.49 -14.73 23.88
N ASN B 55 -24.71 -15.36 24.72
CA ASN B 55 -24.63 -15.00 26.14
C ASN B 55 -23.34 -14.32 26.52
N ASN B 56 -23.39 -13.46 27.53
CA ASN B 56 -22.22 -12.78 28.06
C ASN B 56 -21.51 -13.76 29.00
N PRO B 57 -20.26 -14.15 28.74
CA PRO B 57 -19.64 -15.15 29.60
C PRO B 57 -19.30 -14.70 31.00
N ALA B 58 -19.21 -13.38 31.22
CA ALA B 58 -18.91 -12.88 32.57
C ALA B 58 -20.14 -12.84 33.46
N THR B 59 -21.35 -12.74 32.90
CA THR B 59 -22.58 -12.57 33.67
C THR B 59 -23.60 -13.69 33.47
N GLY B 60 -23.49 -14.47 32.40
CA GLY B 60 -24.48 -15.48 32.05
C GLY B 60 -25.69 -14.94 31.32
N GLU B 61 -25.82 -13.62 31.18
CA GLU B 61 -26.98 -13.04 30.58
C GLU B 61 -27.04 -13.20 29.07
N ILE B 62 -28.24 -13.36 28.51
CA ILE B 62 -28.42 -13.36 27.06
C ILE B 62 -28.24 -11.91 26.60
N LEU B 63 -27.41 -11.70 25.59
CA LEU B 63 -27.25 -10.39 24.95
C LEU B 63 -28.37 -10.20 23.93
N THR B 64 -28.51 -11.15 23.02
CA THR B 64 -29.57 -11.18 22.03
C THR B 64 -29.62 -12.60 21.45
N SER B 65 -30.64 -12.88 20.68
N SER B 65 -30.61 -12.88 20.64
CA SER B 65 -30.74 -14.08 19.89
CA SER B 65 -30.67 -14.13 19.92
C SER B 65 -30.18 -13.71 18.50
C SER B 65 -30.41 -13.82 18.45
N VAL B 66 -29.71 -14.73 17.78
CA VAL B 66 -29.37 -14.59 16.38
C VAL B 66 -30.00 -15.78 15.65
N PRO B 67 -30.12 -15.70 14.33
CA PRO B 67 -30.73 -16.82 13.61
C PRO B 67 -29.98 -18.14 13.72
N PHE B 68 -30.74 -19.25 13.71
CA PHE B 68 -30.20 -20.59 13.67
C PHE B 68 -30.38 -21.10 12.25
N MET B 69 -29.44 -20.73 11.39
CA MET B 69 -29.50 -21.07 9.98
C MET B 69 -28.84 -22.41 9.68
N GLY B 70 -29.05 -22.95 8.48
CA GLY B 70 -28.44 -24.19 8.07
C GLY B 70 -28.15 -24.21 6.59
N LYS B 71 -28.32 -25.40 6.02
CA LYS B 71 -28.04 -25.65 4.61
C LYS B 71 -28.68 -24.68 3.66
N ARG B 72 -29.99 -24.46 3.78
CA ARG B 72 -30.69 -23.63 2.80
C ARG B 72 -30.19 -22.20 2.77
N GLU B 73 -30.01 -21.60 3.95
CA GLU B 73 -29.52 -20.22 4.01
C GLU B 73 -28.09 -20.15 3.49
N ALA B 74 -27.26 -21.16 3.80
CA ALA B 74 -25.88 -21.19 3.28
C ALA B 74 -25.89 -21.25 1.75
N GLU B 75 -26.80 -22.06 1.18
CA GLU B 75 -26.92 -22.14 -0.29
C GLU B 75 -27.30 -20.77 -0.87
N LYS B 76 -28.24 -20.07 -0.22
CA LYS B 76 -28.65 -18.75 -0.69
C LYS B 76 -27.51 -17.74 -0.60
N ALA B 77 -26.71 -17.82 0.46
CA ALA B 77 -25.58 -16.92 0.62
C ALA B 77 -24.52 -17.20 -0.46
N ILE B 78 -24.28 -18.49 -0.77
CA ILE B 78 -23.31 -18.86 -1.82
C ILE B 78 -23.82 -18.34 -3.17
N ALA B 79 -25.12 -18.46 -3.44
CA ALA B 79 -25.68 -17.95 -4.69
C ALA B 79 -25.52 -16.44 -4.80
N ALA B 80 -25.70 -15.70 -3.70
CA ALA B 80 -25.52 -14.26 -3.70
C ALA B 80 -24.05 -13.91 -3.96
N ALA B 81 -23.15 -14.64 -3.31
CA ALA B 81 -21.72 -14.40 -3.53
C ALA B 81 -21.32 -14.69 -4.96
N SER B 82 -21.84 -15.76 -5.53
CA SER B 82 -21.54 -16.13 -6.92
C SER B 82 -22.04 -15.04 -7.89
N GLN B 83 -23.22 -14.53 -7.64
CA GLN B 83 -23.78 -13.48 -8.49
C GLN B 83 -22.93 -12.20 -8.39
N ALA B 84 -22.47 -11.84 -7.18
CA ALA B 84 -21.70 -10.64 -6.97
C ALA B 84 -20.27 -10.72 -7.51
N PHE B 85 -19.73 -11.94 -7.58
CA PHE B 85 -18.35 -12.16 -8.00
C PHE B 85 -18.03 -11.60 -9.37
N THR B 86 -18.92 -11.80 -10.33
CA THR B 86 -18.64 -11.36 -11.70
C THR B 86 -18.24 -9.89 -11.79
N SER B 87 -19.01 -9.02 -11.18
CA SER B 87 -18.73 -7.58 -11.19
C SER B 87 -17.58 -7.18 -10.24
N TRP B 88 -17.55 -7.74 -9.03
CA TRP B 88 -16.52 -7.36 -8.07
C TRP B 88 -15.14 -7.71 -8.58
N SER B 89 -14.99 -8.91 -9.16
CA SER B 89 -13.70 -9.39 -9.66
C SER B 89 -13.19 -8.58 -10.84
N LYS B 90 -14.08 -7.97 -11.60
CA LYS B 90 -13.69 -7.20 -12.78
C LYS B 90 -13.43 -5.74 -12.52
N ARG B 91 -13.65 -5.25 -11.28
CA ARG B 91 -13.27 -3.89 -10.91
C ARG B 91 -11.75 -3.80 -10.98
N THR B 92 -11.23 -2.55 -11.11
CA THR B 92 -9.78 -2.41 -11.00
C THR B 92 -9.36 -2.67 -9.55
N ALA B 93 -8.10 -2.98 -9.34
CA ALA B 93 -7.57 -3.11 -7.99
C ALA B 93 -7.72 -1.79 -7.24
N ASN B 94 -7.48 -0.67 -7.92
CA ASN B 94 -7.60 0.65 -7.31
C ASN B 94 -9.01 0.91 -6.78
N ASP B 95 -10.02 0.48 -7.53
CA ASP B 95 -11.41 0.64 -7.12
C ASP B 95 -11.69 -0.20 -5.86
N ARG B 96 -11.29 -1.49 -5.86
CA ARG B 96 -11.48 -2.31 -4.66
C ARG B 96 -10.72 -1.71 -3.47
N SER B 97 -9.52 -1.23 -3.73
CA SER B 97 -8.66 -0.66 -2.68
C SER B 97 -9.31 0.52 -1.98
N LYS B 98 -9.94 1.42 -2.76
CA LYS B 98 -10.59 2.58 -2.19
C LYS B 98 -11.71 2.18 -1.26
N ILE B 99 -12.52 1.21 -1.69
CA ILE B 99 -13.65 0.74 -0.90
C ILE B 99 -13.16 0.05 0.37
N LEU B 100 -12.14 -0.81 0.25
CA LEU B 100 -11.61 -1.49 1.42
C LEU B 100 -11.02 -0.49 2.41
N ARG B 101 -10.38 0.59 1.91
CA ARG B 101 -9.87 1.61 2.85
C ARG B 101 -11.00 2.30 3.58
N GLN B 102 -12.13 2.50 2.91
CA GLN B 102 -13.29 3.10 3.60
C GLN B 102 -13.78 2.18 4.73
N TRP B 103 -13.71 0.86 4.52
CA TRP B 103 -14.10 -0.11 5.54
C TRP B 103 -13.14 -0.06 6.69
N PHE B 104 -11.84 -0.02 6.39
CA PHE B 104 -10.78 0.10 7.39
C PHE B 104 -11.04 1.34 8.27
N ASN B 105 -11.29 2.48 7.61
CA ASN B 105 -11.50 3.73 8.36
C ASN B 105 -12.71 3.63 9.27
N LEU B 106 -13.78 3.02 8.80
CA LEU B 106 -14.99 2.84 9.64
C LEU B 106 -14.76 1.92 10.82
N LEU B 107 -13.96 0.87 10.66
CA LEU B 107 -13.63 -0.05 11.77
C LEU B 107 -12.88 0.73 12.85
N ILE B 108 -11.89 1.55 12.40
CA ILE B 108 -11.11 2.34 13.37
C ILE B 108 -11.95 3.43 14.02
N LYS B 109 -12.81 4.08 13.26
CA LYS B 109 -13.68 5.12 13.81
C LYS B 109 -14.57 4.55 14.93
N ASN B 110 -15.02 3.31 14.77
CA ASN B 110 -15.91 2.65 15.69
C ASN B 110 -15.20 1.72 16.67
N LYS B 111 -13.88 1.85 16.83
CA LYS B 111 -13.12 0.86 17.59
C LYS B 111 -13.53 0.72 19.05
N ASP B 112 -13.86 1.82 19.71
CA ASP B 112 -14.18 1.74 21.14
C ASP B 112 -15.47 0.94 21.37
N ASP B 113 -16.51 1.21 20.57
CA ASP B 113 -17.77 0.47 20.67
C ASP B 113 -17.59 -0.99 20.22
N LEU B 114 -16.87 -1.21 19.10
CA LEU B 114 -16.62 -2.57 18.65
C LEU B 114 -15.84 -3.38 19.70
N GLY B 115 -14.89 -2.72 20.38
CA GLY B 115 -14.15 -3.37 21.46
C GLY B 115 -15.09 -3.82 22.58
N LYS B 116 -16.02 -2.93 22.95
CA LYS B 116 -17.00 -3.29 23.99
C LYS B 116 -17.88 -4.47 23.58
N LEU B 117 -18.24 -4.55 22.30
CA LEU B 117 -19.05 -5.66 21.82
C LEU B 117 -18.28 -6.98 21.94
N ILE B 118 -16.98 -6.99 21.62
CA ILE B 118 -16.17 -8.19 21.83
C ILE B 118 -16.16 -8.57 23.29
N VAL B 119 -15.95 -7.58 24.19
CA VAL B 119 -15.97 -7.87 25.62
C VAL B 119 -17.28 -8.55 26.01
N LEU B 120 -18.41 -7.99 25.58
CA LEU B 120 -19.70 -8.54 25.98
C LEU B 120 -19.89 -9.99 25.58
N GLU B 121 -19.55 -10.34 24.31
CA GLU B 121 -19.83 -11.68 23.83
C GLU B 121 -18.71 -12.69 24.08
N GLN B 122 -17.47 -12.24 24.19
CA GLN B 122 -16.32 -13.13 24.34
C GLN B 122 -15.59 -13.05 25.66
N GLY B 123 -15.62 -11.89 26.31
CA GLY B 123 -15.16 -11.74 27.68
C GLY B 123 -13.81 -11.14 27.96
N LYS B 124 -12.96 -11.00 26.93
CA LYS B 124 -11.62 -10.51 27.16
C LYS B 124 -11.64 -9.06 27.69
N PRO B 125 -10.54 -8.61 28.34
CA PRO B 125 -10.50 -7.24 28.85
C PRO B 125 -10.64 -6.22 27.74
N LEU B 126 -11.27 -5.09 28.05
CA LEU B 126 -11.50 -4.04 27.05
C LEU B 126 -10.24 -3.58 26.34
N ALA B 127 -9.11 -3.46 27.05
CA ALA B 127 -7.85 -3.04 26.37
C ALA B 127 -7.47 -4.06 25.31
N GLU B 128 -7.64 -5.34 25.60
CA GLU B 128 -7.32 -6.38 24.60
C GLU B 128 -8.33 -6.35 23.44
N ALA B 129 -9.60 -6.07 23.74
CA ALA B 129 -10.63 -6.01 22.71
C ALA B 129 -10.45 -4.85 21.77
N VAL B 130 -10.15 -3.66 22.30
CA VAL B 130 -9.86 -2.51 21.43
C VAL B 130 -8.58 -2.77 20.64
N GLY B 131 -7.58 -3.40 21.25
CA GLY B 131 -6.39 -3.79 20.54
C GLY B 131 -6.68 -4.76 19.41
N GLU B 132 -7.64 -5.66 19.61
CA GLU B 132 -8.05 -6.58 18.57
C GLU B 132 -8.69 -5.83 17.43
N ILE B 133 -9.46 -4.77 17.69
CA ILE B 133 -10.03 -4.01 16.58
C ILE B 133 -8.92 -3.37 15.75
N VAL B 134 -7.95 -2.78 16.40
CA VAL B 134 -6.84 -2.11 15.70
C VAL B 134 -6.05 -3.12 14.86
N TYR B 135 -5.78 -4.28 15.46
CA TYR B 135 -5.06 -5.36 14.78
C TYR B 135 -5.89 -5.95 13.64
N GLY B 136 -7.15 -6.29 13.89
CA GLY B 136 -8.03 -6.84 12.86
C GLY B 136 -8.25 -5.88 11.70
N ALA B 137 -8.49 -4.59 12.04
CA ALA B 137 -8.67 -3.57 11.00
C ALA B 137 -7.42 -3.43 10.16
N ALA B 138 -6.24 -3.64 10.77
CA ALA B 138 -4.98 -3.52 10.04
C ALA B 138 -4.89 -4.47 8.84
N PHE B 139 -5.53 -5.66 8.91
CA PHE B 139 -5.56 -6.57 7.75
C PHE B 139 -6.34 -5.94 6.61
N VAL B 140 -7.42 -5.18 6.94
CA VAL B 140 -8.20 -4.52 5.91
C VAL B 140 -7.35 -3.48 5.18
N GLU B 141 -6.64 -2.65 5.97
CA GLU B 141 -5.73 -1.67 5.37
C GLU B 141 -4.65 -2.35 4.54
N TYR B 142 -4.02 -3.37 5.10
CA TYR B 142 -2.91 -4.04 4.42
C TYR B 142 -3.30 -4.58 3.07
N TYR B 143 -4.42 -5.29 3.02
CA TYR B 143 -4.85 -5.88 1.76
C TYR B 143 -5.53 -4.88 0.83
N ALA B 144 -6.00 -3.74 1.33
CA ALA B 144 -6.43 -2.65 0.44
C ALA B 144 -5.22 -2.16 -0.37
N GLU B 145 -4.06 -2.09 0.28
CA GLU B 145 -2.84 -1.65 -0.38
C GLU B 145 -2.28 -2.77 -1.29
N GLU B 146 -2.30 -4.01 -0.80
CA GLU B 146 -1.75 -5.14 -1.52
C GLU B 146 -2.57 -5.48 -2.76
N ALA B 147 -3.87 -5.13 -2.81
CA ALA B 147 -4.69 -5.38 -4.00
C ALA B 147 -4.02 -4.82 -5.26
N LYS B 148 -3.39 -3.67 -5.12
CA LYS B 148 -2.75 -2.96 -6.23
C LYS B 148 -1.36 -3.49 -6.61
N ARG B 149 -0.93 -4.51 -5.87
CA ARG B 149 0.40 -5.11 -5.96
C ARG B 149 0.34 -6.61 -6.28
N VAL B 150 -0.73 -7.02 -6.93
CA VAL B 150 -0.85 -8.39 -7.43
C VAL B 150 -0.11 -8.36 -8.76
N TYR B 151 1.18 -8.58 -8.73
CA TYR B 151 2.01 -8.49 -9.91
C TYR B 151 2.06 -9.79 -10.70
N GLY B 152 1.94 -9.69 -12.00
CA GLY B 152 2.24 -10.82 -12.87
C GLY B 152 3.69 -10.74 -13.30
N ASP B 153 4.11 -11.71 -14.11
CA ASP B 153 5.50 -11.84 -14.54
C ASP B 153 5.60 -11.97 -16.04
N ILE B 154 6.75 -11.55 -16.57
CA ILE B 154 7.20 -11.84 -17.92
C ILE B 154 8.47 -12.67 -17.74
N ILE B 155 8.47 -13.90 -18.22
CA ILE B 155 9.58 -14.83 -17.98
C ILE B 155 10.39 -14.99 -19.21
N PRO B 156 11.75 -14.89 -19.17
CA PRO B 156 12.53 -15.11 -20.39
C PRO B 156 12.23 -16.47 -21.01
N SER B 157 11.88 -16.43 -22.29
CA SER B 157 11.51 -17.65 -22.99
C SER B 157 12.71 -18.31 -23.63
N PRO B 158 12.91 -19.62 -23.40
CA PRO B 158 14.00 -20.31 -24.11
C PRO B 158 13.70 -20.65 -25.56
N PHE B 159 12.45 -20.34 -25.99
CA PHE B 159 12.07 -20.51 -27.37
C PHE B 159 12.04 -19.12 -28.00
N PRO B 160 12.84 -18.85 -29.03
CA PRO B 160 12.86 -17.50 -29.62
C PRO B 160 11.53 -17.02 -30.13
N GLU B 161 10.67 -17.92 -30.59
CA GLU B 161 9.38 -17.57 -31.15
C GLU B 161 8.23 -17.54 -30.15
N LYS B 162 8.51 -17.68 -28.86
CA LYS B 162 7.48 -17.63 -27.83
C LYS B 162 7.81 -16.54 -26.82
N ARG B 163 6.76 -16.01 -26.20
CA ARG B 163 6.83 -15.12 -25.07
C ARG B 163 5.98 -15.69 -23.96
N MET B 164 6.39 -15.53 -22.71
CA MET B 164 5.79 -16.20 -21.58
C MET B 164 5.40 -15.24 -20.47
N LEU B 165 4.16 -15.29 -20.07
CA LEU B 165 3.58 -14.47 -19.03
C LEU B 165 2.98 -15.28 -17.93
N VAL B 166 2.93 -14.69 -16.72
CA VAL B 166 2.19 -15.25 -15.60
C VAL B 166 1.23 -14.20 -15.13
N MET B 167 -0.07 -14.50 -15.16
CA MET B 167 -1.11 -13.66 -14.60
C MET B 167 -1.59 -14.29 -13.29
N LYS B 168 -2.18 -13.48 -12.38
CA LYS B 168 -2.70 -13.95 -11.11
C LYS B 168 -4.10 -13.36 -10.97
N GLN B 169 -5.13 -14.20 -10.83
CA GLN B 169 -6.52 -13.76 -10.85
C GLN B 169 -7.31 -14.38 -9.70
N PRO B 170 -8.38 -13.73 -9.25
CA PRO B 170 -9.10 -14.25 -8.08
C PRO B 170 -9.69 -15.64 -8.29
N VAL B 171 -9.60 -16.45 -7.23
CA VAL B 171 -10.01 -17.84 -7.31
C VAL B 171 -11.52 -18.03 -7.45
N GLY B 172 -12.34 -17.13 -6.90
CA GLY B 172 -13.79 -17.26 -6.98
C GLY B 172 -14.43 -17.07 -5.64
N VAL B 173 -15.60 -17.69 -5.43
CA VAL B 173 -16.29 -17.58 -4.16
C VAL B 173 -15.51 -18.33 -3.09
N VAL B 174 -15.36 -17.68 -1.92
CA VAL B 174 -14.67 -18.21 -0.77
C VAL B 174 -15.65 -18.50 0.33
N ALA B 175 -15.50 -19.64 1.01
CA ALA B 175 -16.23 -19.97 2.21
C ALA B 175 -15.23 -19.81 3.38
N ALA B 176 -15.59 -19.08 4.40
CA ALA B 176 -14.74 -18.81 5.53
C ALA B 176 -15.43 -19.20 6.82
N ILE B 177 -14.71 -19.87 7.74
CA ILE B 177 -15.23 -20.28 9.02
C ILE B 177 -14.25 -19.77 10.06
N ALA B 178 -14.76 -19.01 11.05
CA ALA B 178 -13.96 -18.32 12.03
C ALA B 178 -14.33 -18.74 13.44
N PRO B 179 -13.36 -18.76 14.37
CA PRO B 179 -13.61 -19.15 15.73
C PRO B 179 -13.95 -17.98 16.63
N TRP B 180 -14.17 -18.27 17.90
CA TRP B 180 -14.64 -17.31 18.90
C TRP B 180 -13.58 -16.51 19.61
N ASN B 181 -12.29 -16.89 19.50
CA ASN B 181 -11.33 -16.24 20.39
C ASN B 181 -10.90 -14.85 19.93
N PHE B 182 -11.08 -14.51 18.63
CA PHE B 182 -10.86 -13.17 18.11
C PHE B 182 -12.06 -12.86 17.18
N PRO B 183 -13.17 -12.43 17.78
CA PRO B 183 -14.40 -12.25 17.00
C PRO B 183 -14.33 -11.26 15.86
N LEU B 184 -13.40 -10.34 15.88
CA LEU B 184 -13.22 -9.43 14.74
C LEU B 184 -12.05 -9.87 13.89
N ALA B 185 -10.87 -10.06 14.50
CA ALA B 185 -9.67 -10.27 13.69
C ALA B 185 -9.71 -11.56 12.88
N MET B 186 -10.39 -12.59 13.37
CA MET B 186 -10.51 -13.80 12.54
C MET B 186 -11.45 -13.62 11.39
N ILE B 187 -12.30 -12.65 11.42
CA ILE B 187 -13.16 -12.32 10.30
C ILE B 187 -12.28 -11.55 9.27
N THR B 188 -11.63 -10.46 9.68
CA THR B 188 -10.89 -9.62 8.71
C THR B 188 -9.68 -10.30 8.11
N ARG B 189 -9.03 -11.18 8.87
CA ARG B 189 -7.86 -11.92 8.35
C ARG B 189 -8.20 -12.76 7.12
N LYS B 190 -9.48 -13.17 7.00
CA LYS B 190 -9.95 -13.98 5.89
C LYS B 190 -10.67 -13.13 4.86
N VAL B 191 -11.57 -12.25 5.29
CA VAL B 191 -12.38 -11.45 4.38
C VAL B 191 -11.55 -10.41 3.62
N ALA B 192 -10.62 -9.75 4.30
CA ALA B 192 -9.84 -8.67 3.66
C ALA B 192 -9.04 -9.16 2.45
N PRO B 193 -8.20 -10.22 2.58
CA PRO B 193 -7.45 -10.66 1.39
C PRO B 193 -8.38 -11.18 0.31
N ALA B 194 -9.46 -11.88 0.70
CA ALA B 194 -10.38 -12.42 -0.31
C ALA B 194 -10.96 -11.26 -1.15
N LEU B 195 -11.46 -10.23 -0.48
CA LEU B 195 -12.07 -9.12 -1.20
C LEU B 195 -11.03 -8.35 -2.00
N ALA B 196 -9.84 -8.17 -1.46
CA ALA B 196 -8.78 -7.45 -2.16
C ALA B 196 -8.43 -8.12 -3.49
N ALA B 197 -8.32 -9.47 -3.47
CA ALA B 197 -8.01 -10.22 -4.67
C ALA B 197 -9.11 -10.11 -5.71
N GLY B 198 -10.35 -9.86 -5.28
CA GLY B 198 -11.50 -9.83 -6.17
C GLY B 198 -12.47 -10.97 -5.94
N CYS B 199 -12.29 -11.75 -4.89
CA CYS B 199 -13.22 -12.81 -4.50
C CYS B 199 -14.39 -12.19 -3.75
N THR B 200 -15.46 -13.01 -3.59
CA THR B 200 -16.60 -12.74 -2.72
C THR B 200 -16.60 -13.82 -1.67
N VAL B 201 -17.30 -13.58 -0.54
N VAL B 201 -17.31 -13.57 -0.55
N VAL B 201 -17.32 -13.57 -0.57
CA VAL B 201 -17.19 -14.51 0.59
CA VAL B 201 -17.24 -14.42 0.63
CA VAL B 201 -17.25 -14.46 0.60
C VAL B 201 -18.47 -14.74 1.38
C VAL B 201 -18.56 -14.75 1.29
C VAL B 201 -18.59 -14.79 1.22
N VAL B 202 -18.64 -15.99 1.79
CA VAL B 202 -19.69 -16.43 2.67
C VAL B 202 -18.93 -16.79 3.94
N ILE B 203 -19.19 -16.08 5.06
CA ILE B 203 -18.48 -16.36 6.31
C ILE B 203 -19.46 -16.83 7.39
N LYS B 204 -19.01 -17.87 8.11
CA LYS B 204 -19.73 -18.39 9.24
C LYS B 204 -18.90 -18.07 10.47
N PRO B 205 -19.25 -17.03 11.20
CA PRO B 205 -18.55 -16.75 12.44
C PRO B 205 -18.93 -17.80 13.48
N SER B 206 -18.21 -17.81 14.60
CA SER B 206 -18.58 -18.70 15.70
C SER B 206 -19.98 -18.36 16.24
N GLU B 207 -20.80 -19.37 16.46
CA GLU B 207 -22.11 -19.16 17.06
C GLU B 207 -21.98 -18.62 18.48
N LEU B 208 -20.80 -18.76 19.10
CA LEU B 208 -20.57 -18.18 20.42
C LEU B 208 -20.32 -16.68 20.37
N THR B 209 -19.79 -16.16 19.28
CA THR B 209 -19.41 -14.76 19.17
C THR B 209 -19.72 -14.20 17.79
N PRO B 210 -20.99 -14.25 17.33
CA PRO B 210 -21.31 -13.77 15.98
C PRO B 210 -21.53 -12.28 15.84
N LEU B 211 -21.78 -11.58 16.97
CA LEU B 211 -22.23 -10.20 16.89
C LEU B 211 -21.21 -9.27 16.26
N THR B 212 -19.93 -9.46 16.62
CA THR B 212 -18.86 -8.63 16.09
C THR B 212 -18.74 -8.79 14.57
N ALA B 213 -18.93 -10.02 14.06
CA ALA B 213 -18.87 -10.25 12.63
C ALA B 213 -20.00 -9.49 11.93
N LEU B 214 -21.18 -9.49 12.54
CA LEU B 214 -22.33 -8.79 11.96
C LEU B 214 -22.11 -7.30 11.96
N ALA B 215 -21.54 -6.77 13.04
CA ALA B 215 -21.23 -5.34 13.10
C ALA B 215 -20.18 -4.99 12.01
N ALA B 216 -19.18 -5.87 11.83
CA ALA B 216 -18.17 -5.60 10.82
C ALA B 216 -18.78 -5.58 9.43
N ALA B 217 -19.73 -6.48 9.19
CA ALA B 217 -20.44 -6.56 7.90
C ALA B 217 -21.30 -5.34 7.67
N GLU B 218 -21.97 -4.81 8.71
CA GLU B 218 -22.73 -3.56 8.57
C GLU B 218 -21.78 -2.43 8.13
N LEU B 219 -20.60 -2.35 8.77
CA LEU B 219 -19.64 -1.31 8.38
C LEU B 219 -19.09 -1.53 6.97
N ALA B 220 -18.97 -2.79 6.52
CA ALA B 220 -18.58 -3.07 5.13
C ALA B 220 -19.63 -2.49 4.17
N LEU B 221 -20.91 -2.67 4.47
CA LEU B 221 -21.99 -2.12 3.61
C LEU B 221 -21.91 -0.60 3.60
N GLN B 222 -21.68 -0.01 4.77
CA GLN B 222 -21.53 1.45 4.85
C GLN B 222 -20.34 1.99 4.06
N ALA B 223 -19.27 1.19 3.96
CA ALA B 223 -18.10 1.51 3.19
C ALA B 223 -18.31 1.45 1.69
N GLY B 224 -19.40 0.87 1.22
CA GLY B 224 -19.64 0.73 -0.20
C GLY B 224 -19.30 -0.63 -0.77
N ILE B 225 -19.08 -1.64 0.11
CA ILE B 225 -18.90 -3.00 -0.37
C ILE B 225 -20.26 -3.45 -0.92
N PRO B 226 -20.36 -3.83 -2.19
CA PRO B 226 -21.67 -4.11 -2.76
C PRO B 226 -22.35 -5.29 -2.10
N PRO B 227 -23.67 -5.30 -2.08
CA PRO B 227 -24.36 -6.46 -1.54
C PRO B 227 -23.99 -7.76 -2.24
N GLY B 228 -23.84 -8.82 -1.46
CA GLY B 228 -23.45 -10.12 -1.95
C GLY B 228 -21.96 -10.37 -1.95
N VAL B 229 -21.16 -9.30 -1.83
CA VAL B 229 -19.70 -9.48 -1.77
C VAL B 229 -19.31 -10.09 -0.42
N VAL B 230 -20.02 -9.74 0.65
CA VAL B 230 -19.85 -10.28 2.00
C VAL B 230 -21.22 -10.77 2.47
N ASN B 231 -21.27 -12.01 2.90
CA ASN B 231 -22.50 -12.64 3.41
C ASN B 231 -22.12 -13.33 4.71
N VAL B 232 -23.00 -13.26 5.70
CA VAL B 232 -22.74 -13.80 7.04
C VAL B 232 -23.92 -14.69 7.46
N VAL B 233 -23.62 -15.97 7.72
CA VAL B 233 -24.61 -16.96 8.15
C VAL B 233 -24.09 -17.69 9.39
N MET B 234 -24.99 -18.18 10.23
CA MET B 234 -24.60 -18.88 11.44
C MET B 234 -25.71 -19.80 11.93
N GLY B 235 -25.36 -20.73 12.77
CA GLY B 235 -26.34 -21.61 13.42
C GLY B 235 -25.92 -23.06 13.45
N ASP B 236 -26.39 -23.83 12.50
CA ASP B 236 -26.03 -25.25 12.38
C ASP B 236 -24.72 -25.30 11.64
N ALA B 237 -23.62 -25.31 12.39
CA ALA B 237 -22.29 -25.27 11.80
C ALA B 237 -22.01 -26.42 10.86
N LYS B 238 -22.47 -27.64 11.20
CA LYS B 238 -22.29 -28.78 10.33
C LYS B 238 -23.06 -28.61 9.02
N GLY B 239 -24.32 -28.20 9.07
CA GLY B 239 -25.12 -28.02 7.87
C GLY B 239 -24.58 -26.92 6.96
N ILE B 240 -24.13 -25.83 7.58
CA ILE B 240 -23.53 -24.73 6.83
C ILE B 240 -22.22 -25.20 6.18
N GLY B 241 -21.36 -25.84 6.96
CA GLY B 241 -20.09 -26.33 6.43
C GLY B 241 -20.26 -27.32 5.31
N ASP B 242 -21.23 -28.21 5.44
CA ASP B 242 -21.51 -29.19 4.38
C ASP B 242 -22.01 -28.49 3.11
N ALA B 243 -22.81 -27.41 3.23
CA ALA B 243 -23.26 -26.67 2.06
C ALA B 243 -22.04 -26.01 1.38
N MET B 244 -21.12 -25.50 2.17
CA MET B 244 -19.90 -24.87 1.65
C MET B 244 -19.06 -25.91 0.89
N LEU B 245 -18.91 -27.11 1.47
CA LEU B 245 -18.12 -28.18 0.82
C LEU B 245 -18.80 -28.74 -0.41
N ASP B 246 -20.13 -28.86 -0.40
CA ASP B 246 -20.86 -29.45 -1.51
C ASP B 246 -20.98 -28.54 -2.71
N SER B 247 -20.84 -27.23 -2.51
CA SER B 247 -21.01 -26.27 -3.57
C SER B 247 -19.89 -26.30 -4.60
N THR B 248 -20.27 -26.33 -5.86
CA THR B 248 -19.34 -26.23 -6.99
C THR B 248 -18.71 -24.82 -7.03
N GLU B 249 -19.51 -23.82 -6.77
CA GLU B 249 -19.07 -22.44 -6.90
C GLU B 249 -18.09 -22.00 -5.83
N VAL B 250 -18.06 -22.67 -4.69
CA VAL B 250 -17.10 -22.37 -3.64
C VAL B 250 -15.78 -22.97 -4.10
N ARG B 251 -14.80 -22.12 -4.46
CA ARG B 251 -13.54 -22.60 -4.98
C ARG B 251 -12.43 -22.69 -3.93
N LYS B 252 -12.64 -22.08 -2.77
CA LYS B 252 -11.66 -21.98 -1.74
C LYS B 252 -12.34 -21.94 -0.42
N ILE B 253 -11.76 -22.62 0.57
N ILE B 253 -11.80 -22.68 0.55
CA ILE B 253 -12.32 -22.61 1.90
CA ILE B 253 -12.26 -22.65 1.92
C ILE B 253 -11.21 -22.33 2.90
C ILE B 253 -11.12 -22.17 2.80
N THR B 254 -11.47 -21.41 3.84
CA THR B 254 -10.50 -21.02 4.85
C THR B 254 -11.16 -21.26 6.21
N PHE B 255 -10.43 -21.92 7.11
CA PHE B 255 -10.96 -22.28 8.41
C PHE B 255 -9.94 -22.07 9.49
N THR B 256 -10.38 -21.55 10.64
CA THR B 256 -9.55 -21.52 11.83
C THR B 256 -10.41 -22.09 12.95
N GLY B 257 -9.84 -23.03 13.67
CA GLY B 257 -10.58 -23.72 14.72
C GLY B 257 -9.92 -25.02 15.12
N SER B 258 -10.72 -25.92 15.69
CA SER B 258 -10.17 -27.13 16.24
C SER B 258 -9.61 -28.08 15.19
N THR B 259 -8.57 -28.80 15.58
CA THR B 259 -7.89 -29.72 14.68
C THR B 259 -8.84 -30.78 14.13
N GLY B 260 -9.65 -31.40 15.00
CA GLY B 260 -10.56 -32.44 14.56
C GLY B 260 -11.55 -31.99 13.49
N VAL B 261 -12.14 -30.80 13.67
CA VAL B 261 -13.06 -30.22 12.70
C VAL B 261 -12.32 -29.85 11.41
N GLY B 262 -11.14 -29.26 11.55
CA GLY B 262 -10.34 -28.89 10.40
C GLY B 262 -9.96 -30.06 9.51
N LYS B 263 -9.55 -31.18 10.12
CA LYS B 263 -9.20 -32.37 9.38
C LYS B 263 -10.40 -32.90 8.61
N MET B 264 -11.61 -32.82 9.18
CA MET B 264 -12.80 -33.29 8.47
C MET B 264 -13.13 -32.37 7.31
N LEU B 265 -12.93 -31.07 7.50
CA LEU B 265 -13.17 -30.11 6.45
C LEU B 265 -12.21 -30.33 5.29
N LEU B 266 -10.94 -30.55 5.61
CA LEU B 266 -9.91 -30.74 4.59
C LEU B 266 -10.20 -32.00 3.81
N ALA B 267 -10.62 -33.08 4.46
CA ALA B 267 -11.00 -34.29 3.79
C ALA B 267 -12.21 -34.05 2.86
N GLY B 268 -13.22 -33.35 3.38
CA GLY B 268 -14.42 -33.07 2.62
C GLY B 268 -14.18 -32.18 1.41
N ALA B 269 -13.25 -31.25 1.50
CA ALA B 269 -12.88 -30.37 0.38
C ALA B 269 -12.24 -31.12 -0.80
N GLY B 270 -11.71 -32.31 -0.55
CA GLY B 270 -11.08 -33.07 -1.61
C GLY B 270 -11.99 -33.46 -2.74
N LYS B 271 -13.30 -33.65 -2.47
CA LYS B 271 -14.20 -34.11 -3.51
C LYS B 271 -14.43 -33.11 -4.61
N THR B 272 -14.18 -31.81 -4.38
CA THR B 272 -14.29 -30.80 -5.41
C THR B 272 -12.96 -30.11 -5.63
N VAL B 273 -11.84 -30.62 -5.06
CA VAL B 273 -10.51 -30.09 -5.29
C VAL B 273 -10.44 -28.59 -4.95
N LYS B 274 -11.03 -28.22 -3.82
CA LYS B 274 -10.97 -26.82 -3.41
C LYS B 274 -9.59 -26.44 -2.91
N LYS B 275 -9.23 -25.18 -3.07
CA LYS B 275 -8.08 -24.62 -2.41
C LYS B 275 -8.47 -24.52 -0.91
N VAL B 276 -7.56 -24.93 0.00
CA VAL B 276 -7.84 -24.86 1.42
C VAL B 276 -6.70 -24.20 2.15
N SER B 277 -7.03 -23.32 3.06
CA SER B 277 -6.04 -22.81 4.00
C SER B 277 -6.71 -22.95 5.36
N LEU B 278 -5.92 -23.39 6.36
CA LEU B 278 -6.47 -23.58 7.68
C LEU B 278 -5.47 -23.46 8.77
N GLU B 279 -5.94 -23.02 9.95
CA GLU B 279 -5.09 -22.84 11.10
C GLU B 279 -5.79 -23.60 12.23
N LEU B 280 -5.07 -24.56 12.82
CA LEU B 280 -5.61 -25.51 13.77
C LEU B 280 -4.93 -25.39 15.12
N GLY B 281 -5.03 -26.42 15.94
CA GLY B 281 -4.41 -26.39 17.26
C GLY B 281 -2.92 -26.19 17.22
N GLY B 282 -2.44 -25.48 18.23
CA GLY B 282 -1.01 -25.34 18.45
C GLY B 282 -0.68 -25.81 19.84
N ASN B 283 0.56 -26.03 20.07
CA ASN B 283 0.99 -26.41 21.46
C ASN B 283 2.34 -25.82 21.52
N ALA B 284 2.35 -24.52 21.79
CA ALA B 284 3.56 -23.76 21.67
C ALA B 284 4.57 -23.95 22.79
N PRO B 285 5.78 -24.42 22.48
CA PRO B 285 6.83 -24.46 23.51
C PRO B 285 7.49 -23.09 23.59
N CYS B 286 8.01 -22.78 24.76
CA CYS B 286 8.76 -21.58 25.02
C CYS B 286 10.03 -22.00 25.72
N ILE B 287 11.18 -21.68 25.18
CA ILE B 287 12.46 -22.07 25.79
C ILE B 287 13.12 -20.85 26.42
N VAL B 288 13.36 -20.88 27.73
CA VAL B 288 14.06 -19.84 28.43
C VAL B 288 15.46 -20.36 28.74
N PHE B 289 16.45 -19.89 28.02
CA PHE B 289 17.84 -20.31 28.20
C PHE B 289 18.46 -19.59 29.40
N ASP B 290 19.56 -20.16 29.91
CA ASP B 290 20.27 -19.60 31.03
C ASP B 290 20.73 -18.18 30.86
N ASP B 291 21.00 -17.76 29.62
CA ASP B 291 21.45 -16.41 29.35
C ASP B 291 20.32 -15.50 28.86
N ALA B 292 19.06 -15.85 29.12
CA ALA B 292 17.96 -14.95 28.84
C ALA B 292 18.08 -13.70 29.71
N ASN B 293 17.59 -12.57 29.21
CA ASN B 293 17.45 -11.40 30.04
C ASN B 293 16.20 -11.69 30.86
N LEU B 294 16.36 -11.84 32.16
CA LEU B 294 15.27 -12.28 33.03
C LEU B 294 14.02 -11.42 32.93
N ASP B 295 14.16 -10.09 32.98
CA ASP B 295 13.00 -9.21 32.91
C ASP B 295 12.27 -9.38 31.59
N VAL B 296 13.02 -9.47 30.49
CA VAL B 296 12.43 -9.65 29.14
C VAL B 296 11.69 -10.99 29.08
N ALA B 297 12.29 -12.04 29.63
CA ALA B 297 11.67 -13.35 29.61
C ALA B 297 10.42 -13.41 30.42
N VAL B 298 10.44 -12.80 31.64
CA VAL B 298 9.26 -12.82 32.50
C VAL B 298 8.13 -12.06 31.84
N LYS B 299 8.42 -10.86 31.33
CA LYS B 299 7.39 -10.05 30.66
C LYS B 299 6.86 -10.78 29.41
N GLY B 300 7.75 -11.40 28.61
CA GLY B 300 7.33 -12.04 27.38
C GLY B 300 6.52 -13.30 27.59
N VAL B 301 6.94 -14.12 28.58
CA VAL B 301 6.18 -15.32 28.90
C VAL B 301 4.83 -14.93 29.50
N LEU B 302 4.78 -13.92 30.40
CA LEU B 302 3.50 -13.49 30.98
C LEU B 302 2.51 -13.07 29.86
N ALA B 303 3.00 -12.27 28.92
CA ALA B 303 2.15 -11.80 27.82
C ALA B 303 1.74 -12.94 26.88
N GLY B 304 2.68 -13.79 26.51
CA GLY B 304 2.42 -14.87 25.56
C GLY B 304 1.56 -15.97 26.09
N LYS B 305 1.58 -16.18 27.41
CA LYS B 305 0.75 -17.20 28.03
C LYS B 305 -0.64 -16.65 28.34
N TYR B 306 -0.74 -15.49 29.02
CA TYR B 306 -1.97 -15.08 29.65
C TYR B 306 -2.83 -14.14 28.84
N ARG B 307 -2.38 -13.69 27.65
CA ARG B 307 -3.27 -12.90 26.77
C ARG B 307 -4.52 -13.71 26.47
N ASN B 308 -5.68 -13.08 26.57
CA ASN B 308 -6.95 -13.73 26.34
C ASN B 308 -7.18 -14.89 27.29
N SER B 309 -6.68 -14.78 28.53
CA SER B 309 -6.71 -15.84 29.54
C SER B 309 -6.18 -17.17 28.99
N GLY B 310 -5.18 -17.10 28.13
CA GLY B 310 -4.60 -18.29 27.52
C GLY B 310 -5.33 -18.85 26.31
N GLN B 311 -6.37 -18.16 25.82
CA GLN B 311 -7.22 -18.64 24.76
C GLN B 311 -6.81 -18.14 23.38
N THR B 312 -5.54 -18.18 23.07
CA THR B 312 -5.05 -17.74 21.74
C THR B 312 -4.42 -18.90 21.10
N VAL B 314 -1.78 -18.87 19.35
CA VAL B 314 -0.32 -18.79 19.51
C VAL B 314 0.13 -18.76 20.98
N CYS B 315 -0.75 -19.10 21.89
N CYS B 315 -0.81 -18.91 21.96
N CYS B 315 -0.78 -19.05 21.94
CA CYS B 315 -0.45 -19.07 23.30
CA CYS B 315 -0.44 -18.85 23.39
CA CYS B 315 -0.45 -19.03 23.36
C CYS B 315 0.70 -19.96 23.67
C CYS B 315 0.60 -19.90 23.75
C CYS B 315 0.71 -19.93 23.68
N ILE B 316 1.52 -19.51 24.63
CA ILE B 316 2.57 -20.37 25.18
C ILE B 316 1.84 -21.50 25.94
N ASN B 317 2.15 -22.75 25.62
CA ASN B 317 1.51 -23.89 26.25
C ASN B 317 2.42 -24.56 27.28
N LYS B 318 3.70 -24.55 27.05
CA LYS B 318 4.66 -25.18 27.95
C LYS B 318 5.96 -24.44 27.89
N ILE B 319 6.61 -24.29 29.04
CA ILE B 319 7.80 -23.48 29.15
C ILE B 319 8.93 -24.36 29.61
N PHE B 320 9.99 -24.45 28.82
CA PHE B 320 11.20 -25.20 29.13
C PHE B 320 12.17 -24.18 29.68
N VAL B 321 12.66 -24.40 30.92
CA VAL B 321 13.50 -23.43 31.59
C VAL B 321 14.83 -24.09 31.94
N GLN B 322 15.93 -23.50 31.50
CA GLN B 322 17.25 -24.09 31.69
C GLN B 322 17.64 -24.07 33.17
N ASP B 323 18.37 -25.14 33.57
CA ASP B 323 18.66 -25.36 34.98
C ASP B 323 19.24 -24.17 35.75
N GLY B 324 20.15 -23.44 35.15
CA GLY B 324 20.80 -22.31 35.80
C GLY B 324 19.92 -21.12 36.13
N ILE B 325 18.90 -20.88 35.31
CA ILE B 325 17.97 -19.75 35.52
C ILE B 325 16.67 -20.17 36.16
N TYR B 326 16.41 -21.45 36.33
CA TYR B 326 15.13 -21.96 36.78
C TYR B 326 14.59 -21.26 38.03
N ASP B 327 15.37 -21.27 39.11
CA ASP B 327 14.88 -20.70 40.36
C ASP B 327 14.54 -19.21 40.26
N LYS B 328 15.41 -18.42 39.64
CA LYS B 328 15.18 -17.00 39.50
C LYS B 328 13.97 -16.74 38.59
N PHE B 329 13.84 -17.52 37.50
CA PHE B 329 12.68 -17.36 36.62
C PHE B 329 11.40 -17.71 37.35
N ALA B 330 11.35 -18.88 38.01
CA ALA B 330 10.13 -19.32 38.67
C ALA B 330 9.66 -18.30 39.72
N GLU B 331 10.60 -17.70 40.46
CA GLU B 331 10.26 -16.71 41.47
C GLU B 331 9.70 -15.41 40.84
N ALA B 332 10.41 -14.87 39.84
CA ALA B 332 9.97 -13.63 39.20
C ALA B 332 8.69 -13.82 38.40
N PHE B 333 8.55 -14.97 37.76
CA PHE B 333 7.34 -15.26 36.98
C PHE B 333 6.13 -15.41 37.88
N ALA B 334 6.29 -16.07 39.03
CA ALA B 334 5.17 -16.17 39.98
C ALA B 334 4.73 -14.79 40.49
N LYS B 335 5.69 -13.90 40.75
CA LYS B 335 5.37 -12.56 41.18
C LYS B 335 4.58 -11.81 40.09
N ALA B 336 4.98 -12.00 38.81
CA ALA B 336 4.29 -11.35 37.70
C ALA B 336 2.89 -11.89 37.55
N VAL B 337 2.70 -13.24 37.63
CA VAL B 337 1.40 -13.86 37.49
C VAL B 337 0.45 -13.45 38.61
N SER B 338 1.00 -13.29 39.82
CA SER B 338 0.18 -12.84 40.96
C SER B 338 -0.42 -11.44 40.81
N GLY B 339 0.12 -10.61 39.90
CA GLY B 339 -0.40 -9.27 39.59
C GLY B 339 -1.59 -9.26 38.66
N LEU B 340 -1.91 -10.40 38.01
CA LEU B 340 -3.05 -10.46 37.12
C LEU B 340 -4.34 -10.35 37.93
N ARG B 341 -5.36 -9.76 37.34
CA ARG B 341 -6.65 -9.56 37.98
C ARG B 341 -7.79 -10.04 37.10
N ALA B 342 -8.61 -10.99 37.60
CA ALA B 342 -9.74 -11.50 36.86
C ALA B 342 -11.00 -10.73 37.12
N GLY B 343 -11.85 -10.66 36.10
CA GLY B 343 -13.12 -9.98 36.26
C GLY B 343 -13.81 -9.69 34.96
N ASN B 344 -14.85 -8.87 35.05
CA ASN B 344 -15.60 -8.44 33.90
C ASN B 344 -14.74 -7.48 33.09
N GLY B 345 -14.58 -7.76 31.80
CA GLY B 345 -13.69 -6.97 30.96
C GLY B 345 -14.01 -5.52 30.78
N LEU B 346 -15.21 -5.10 31.14
CA LEU B 346 -15.56 -3.69 31.04
C LEU B 346 -15.09 -2.90 32.28
N GLU B 347 -14.56 -3.57 33.32
CA GLU B 347 -14.13 -2.92 34.54
C GLU B 347 -12.67 -2.48 34.45
N PRO B 348 -12.31 -1.27 34.93
CA PRO B 348 -10.90 -0.85 34.84
C PRO B 348 -9.98 -1.73 35.68
N GLY B 349 -8.79 -1.94 35.19
CA GLY B 349 -7.78 -2.72 35.89
C GLY B 349 -7.89 -4.21 35.70
N ILE B 350 -8.88 -4.71 34.97
CA ILE B 350 -9.06 -6.16 34.78
C ILE B 350 -8.14 -6.63 33.65
N THR B 351 -7.39 -7.69 33.90
CA THR B 351 -6.47 -8.25 32.94
C THR B 351 -6.72 -9.72 32.59
N GLN B 352 -7.72 -10.38 33.16
CA GLN B 352 -8.10 -11.73 32.81
C GLN B 352 -9.62 -11.82 32.74
N GLY B 353 -10.14 -12.25 31.60
CA GLY B 353 -11.55 -12.50 31.46
C GLY B 353 -11.88 -13.97 31.71
N PRO B 354 -13.18 -14.29 31.65
CA PRO B 354 -13.61 -15.68 31.86
C PRO B 354 -13.30 -16.58 30.68
N LEU B 355 -13.19 -17.89 30.92
CA LEU B 355 -13.10 -18.85 29.82
C LEU B 355 -14.41 -18.87 29.09
N ILE B 356 -14.37 -19.23 27.80
CA ILE B 356 -15.53 -19.04 26.95
C ILE B 356 -16.77 -19.81 27.42
N ASN B 357 -16.60 -21.00 27.93
CA ASN B 357 -17.72 -21.83 28.36
C ASN B 357 -17.29 -22.91 29.32
N GLU B 358 -18.28 -23.69 29.83
CA GLU B 358 -18.01 -24.71 30.82
C GLU B 358 -17.13 -25.82 30.28
N THR B 359 -17.25 -26.18 28.99
CA THR B 359 -16.39 -27.19 28.38
C THR B 359 -14.91 -26.76 28.47
N ALA B 360 -14.66 -25.47 28.20
CA ALA B 360 -13.28 -24.95 28.30
C ALA B 360 -12.77 -25.02 29.74
N LEU B 361 -13.60 -24.66 30.72
CA LEU B 361 -13.23 -24.71 32.13
C LEU B 361 -12.89 -26.12 32.56
N GLU B 362 -13.72 -27.08 32.10
CA GLU B 362 -13.53 -28.50 32.47
C GLU B 362 -12.23 -29.03 31.90
N LYS B 363 -11.85 -28.58 30.69
CA LYS B 363 -10.57 -29.00 30.09
C LYS B 363 -9.43 -28.47 30.93
N VAL B 364 -9.49 -27.19 31.33
CA VAL B 364 -8.45 -26.62 32.21
C VAL B 364 -8.31 -27.42 33.52
N GLU B 365 -9.45 -27.71 34.17
CA GLU B 365 -9.43 -28.48 35.40
C GLU B 365 -8.85 -29.88 35.18
N ARG B 366 -9.15 -30.51 34.04
CA ARG B 366 -8.62 -31.84 33.68
C ARG B 366 -7.10 -31.81 33.53
N HIS B 367 -6.59 -30.78 32.86
CA HIS B 367 -5.15 -30.61 32.69
C HIS B 367 -4.44 -30.40 34.00
N VAL B 368 -4.99 -29.57 34.90
CA VAL B 368 -4.36 -29.25 36.16
C VAL B 368 -4.36 -30.51 37.08
N GLN B 369 -5.49 -31.19 37.14
CA GLN B 369 -5.65 -32.42 37.96
C GLN B 369 -4.64 -33.48 37.47
N ASP B 370 -4.54 -33.68 36.14
CA ASP B 370 -3.60 -34.65 35.58
C ASP B 370 -2.16 -34.30 35.95
N ALA B 371 -1.77 -33.01 35.82
CA ALA B 371 -0.42 -32.59 36.15
C ALA B 371 -0.08 -32.82 37.63
N VAL B 372 -0.97 -32.42 38.53
CA VAL B 372 -0.75 -32.55 39.98
C VAL B 372 -0.67 -34.06 40.34
N SER B 373 -1.48 -34.90 39.69
CA SER B 373 -1.44 -36.35 39.94
C SER B 373 -0.12 -37.01 39.49
N LYS B 374 0.59 -36.37 38.54
CA LYS B 374 1.87 -36.85 38.04
C LYS B 374 3.07 -36.09 38.65
N GLY B 375 2.88 -35.37 39.74
CA GLY B 375 3.97 -34.71 40.44
C GLY B 375 4.18 -33.22 40.28
N ALA B 376 3.34 -32.53 39.47
CA ALA B 376 3.51 -31.08 39.34
C ALA B 376 3.20 -30.35 40.62
N LYS B 377 3.91 -29.28 40.87
CA LYS B 377 3.73 -28.45 42.04
C LYS B 377 2.97 -27.16 41.65
N VAL B 378 1.86 -26.89 42.34
CA VAL B 378 1.13 -25.65 42.11
C VAL B 378 1.91 -24.50 42.76
N LEU B 379 2.55 -23.63 41.98
CA LEU B 379 3.28 -22.47 42.48
C LEU B 379 2.38 -21.27 42.74
N VAL B 380 1.33 -21.12 41.93
N VAL B 380 1.35 -21.10 41.89
N VAL B 380 1.35 -21.11 41.89
CA VAL B 380 0.31 -20.08 42.09
CA VAL B 380 0.30 -20.08 42.07
CA VAL B 380 0.34 -20.04 41.94
C VAL B 380 -0.98 -20.60 41.41
C VAL B 380 -0.98 -20.64 41.43
C VAL B 380 -0.97 -20.62 41.40
N GLY B 381 -2.13 -20.19 41.93
CA GLY B 381 -3.42 -20.59 41.42
C GLY B 381 -3.84 -22.03 41.63
N GLY B 382 -4.26 -22.67 40.56
CA GLY B 382 -4.62 -24.08 40.54
C GLY B 382 -6.03 -24.38 41.00
N LYS B 383 -6.93 -23.40 40.92
CA LYS B 383 -8.33 -23.61 41.25
C LYS B 383 -9.21 -22.61 40.55
N ARG B 384 -10.52 -22.87 40.57
CA ARG B 384 -11.49 -21.92 40.03
C ARG B 384 -11.42 -20.64 40.84
N HIS B 385 -11.57 -19.50 40.16
CA HIS B 385 -11.51 -18.20 40.80
C HIS B 385 -12.74 -18.00 41.68
N SER B 386 -12.61 -17.15 42.69
CA SER B 386 -13.73 -16.84 43.61
C SER B 386 -14.93 -16.22 42.89
N LEU B 387 -14.74 -15.60 41.72
CA LEU B 387 -15.87 -15.12 40.92
C LEU B 387 -16.78 -16.22 40.41
N GLY B 388 -16.31 -17.46 40.37
CA GLY B 388 -17.09 -18.56 39.87
C GLY B 388 -17.27 -18.45 38.38
N ARG B 389 -18.41 -18.96 37.88
CA ARG B 389 -18.72 -19.05 36.46
C ARG B 389 -17.56 -19.81 35.77
N THR B 390 -16.94 -19.22 34.73
CA THR B 390 -15.84 -19.87 34.06
C THR B 390 -14.51 -19.12 34.26
N PHE B 391 -14.39 -18.36 35.36
CA PHE B 391 -13.15 -17.72 35.72
C PHE B 391 -12.24 -18.73 36.41
N TYR B 392 -10.97 -18.77 35.98
CA TYR B 392 -10.00 -19.71 36.56
C TYR B 392 -8.79 -18.91 36.98
N GLU B 393 -8.24 -19.23 38.18
CA GLU B 393 -7.10 -18.50 38.64
C GLU B 393 -5.89 -18.68 37.74
N PRO B 394 -5.18 -17.60 37.37
CA PRO B 394 -3.88 -17.78 36.68
C PRO B 394 -2.99 -18.71 37.48
N THR B 395 -2.47 -19.73 36.81
CA THR B 395 -1.77 -20.82 37.45
C THR B 395 -0.41 -21.05 36.86
N ILE B 396 0.53 -21.47 37.75
CA ILE B 396 1.85 -21.92 37.33
C ILE B 396 2.04 -23.29 37.96
N LEU B 397 2.45 -24.28 37.15
CA LEU B 397 2.74 -25.64 37.58
C LEU B 397 4.23 -25.88 37.42
N GLY B 398 4.93 -26.06 38.53
CA GLY B 398 6.34 -26.38 38.54
C GLY B 398 6.51 -27.88 38.43
N ASN B 399 7.73 -28.31 38.14
CA ASN B 399 8.02 -29.75 38.07
C ASN B 399 7.13 -30.47 37.08
N ALA B 400 6.84 -29.83 35.90
CA ALA B 400 6.07 -30.49 34.88
C ALA B 400 6.92 -31.48 34.06
N SER B 401 6.28 -32.40 33.37
CA SER B 401 6.97 -33.42 32.60
C SER B 401 6.23 -33.81 31.32
N ASP B 402 6.96 -34.53 30.43
CA ASP B 402 6.42 -34.97 29.14
C ASP B 402 5.35 -36.04 29.21
N GLU B 403 5.04 -36.59 30.37
CA GLU B 403 3.94 -37.55 30.50
C GLU B 403 2.61 -36.84 30.82
N MET B 404 2.62 -35.51 31.03
CA MET B 404 1.42 -34.80 31.44
C MET B 404 0.58 -34.40 30.27
N LEU B 405 -0.71 -34.39 30.50
CA LEU B 405 -1.68 -34.00 29.49
C LEU B 405 -1.42 -32.58 28.96
N ILE B 406 -1.03 -31.69 29.86
CA ILE B 406 -0.72 -30.30 29.46
C ILE B 406 0.54 -30.17 28.59
N PHE B 407 1.48 -31.12 28.71
CA PHE B 407 2.63 -31.13 27.83
C PHE B 407 2.22 -31.61 26.41
N ARG B 408 1.33 -32.57 26.34
CA ARG B 408 0.97 -33.22 25.08
C ARG B 408 -0.15 -32.57 24.31
N GLU B 409 -1.05 -31.86 24.99
CA GLU B 409 -2.24 -31.28 24.40
C GLU B 409 -2.40 -29.80 24.76
N GLU B 410 -3.13 -29.08 23.90
CA GLU B 410 -3.37 -27.63 24.01
C GLU B 410 -4.37 -27.37 25.15
N VAL B 411 -3.94 -26.68 26.23
CA VAL B 411 -4.83 -26.38 27.38
C VAL B 411 -5.85 -25.25 27.08
N PHE B 412 -5.47 -24.24 26.31
CA PHE B 412 -6.36 -23.08 25.99
C PHE B 412 -6.94 -22.42 27.26
N GLY B 413 -6.05 -22.15 28.21
CA GLY B 413 -6.40 -21.55 29.47
C GLY B 413 -5.19 -21.04 30.22
N PRO B 414 -5.43 -20.41 31.38
CA PRO B 414 -4.37 -19.63 32.04
C PRO B 414 -3.50 -20.47 32.95
N VAL B 415 -2.86 -21.47 32.37
CA VAL B 415 -2.03 -22.41 33.09
C VAL B 415 -0.70 -22.54 32.39
N ALA B 416 0.38 -22.27 33.14
CA ALA B 416 1.74 -22.29 32.65
C ALA B 416 2.53 -23.41 33.33
N PRO B 417 2.85 -24.49 32.61
CA PRO B 417 3.70 -25.55 33.18
C PRO B 417 5.17 -25.31 32.87
N LEU B 418 6.03 -25.52 33.87
CA LEU B 418 7.48 -25.32 33.74
C LEU B 418 8.21 -26.64 33.73
N VAL B 419 9.05 -26.85 32.73
CA VAL B 419 9.79 -28.09 32.56
C VAL B 419 11.26 -27.73 32.62
N ARG B 420 12.01 -28.26 33.58
CA ARG B 420 13.44 -28.00 33.68
C ARG B 420 14.20 -28.78 32.61
N PHE B 421 15.27 -28.20 32.06
CA PHE B 421 16.11 -28.91 31.10
C PHE B 421 17.57 -28.53 31.35
N ASN B 422 18.50 -29.34 30.84
N ASN B 422 18.48 -29.35 30.85
CA ASN B 422 19.92 -29.14 31.01
CA ASN B 422 19.91 -29.14 31.01
C ASN B 422 20.64 -28.50 29.81
C ASN B 422 20.53 -28.47 29.77
N THR B 423 20.52 -29.12 28.61
CA THR B 423 21.25 -28.65 27.45
C THR B 423 20.37 -28.01 26.41
N ASP B 424 20.97 -27.12 25.59
CA ASP B 424 20.24 -26.50 24.50
C ASP B 424 19.66 -27.54 23.53
N GLU B 425 20.46 -28.55 23.18
CA GLU B 425 20.02 -29.56 22.23
C GLU B 425 18.81 -30.35 22.75
N GLU B 426 18.82 -30.66 24.04
CA GLU B 426 17.73 -31.36 24.69
C GLU B 426 16.41 -30.56 24.56
N ALA B 427 16.47 -29.27 24.85
CA ALA B 427 15.26 -28.44 24.77
C ALA B 427 14.74 -28.31 23.34
N ILE B 428 15.62 -28.17 22.38
CA ILE B 428 15.20 -27.99 20.98
C ILE B 428 14.58 -29.29 20.45
N LYS B 429 15.21 -30.42 20.75
CA LYS B 429 14.65 -31.72 20.32
C LYS B 429 13.30 -31.97 20.98
N LEU B 430 13.12 -31.62 22.27
N LEU B 430 13.15 -31.60 22.22
CA LEU B 430 11.83 -31.81 22.93
CA LEU B 430 11.91 -31.76 22.95
C LEU B 430 10.81 -30.87 22.29
C LEU B 430 10.82 -30.84 22.35
N ALA B 431 11.20 -29.61 22.06
CA ALA B 431 10.25 -28.64 21.46
C ALA B 431 9.75 -29.12 20.10
N ASN B 432 10.60 -29.78 19.34
CA ASN B 432 10.29 -30.30 17.99
C ASN B 432 9.67 -31.70 17.94
N ASN B 433 9.41 -32.31 19.08
CA ASN B 433 8.94 -33.70 19.11
C ASN B 433 7.45 -33.85 19.13
N SER B 434 6.71 -32.98 18.45
CA SER B 434 5.25 -33.10 18.42
C SER B 434 4.76 -32.92 16.97
N GLU B 435 3.47 -33.15 16.78
CA GLU B 435 2.81 -32.95 15.50
C GLU B 435 2.26 -31.52 15.37
N PHE B 436 2.42 -30.67 16.40
CA PHE B 436 2.01 -29.29 16.31
C PHE B 436 3.13 -28.50 15.63
N GLY B 437 2.80 -27.34 15.12
CA GLY B 437 3.76 -26.52 14.38
C GLY B 437 3.32 -25.10 14.13
N LEU B 438 2.63 -24.49 15.10
CA LEU B 438 2.13 -23.14 14.94
C LEU B 438 3.15 -22.16 15.49
N ALA B 439 3.04 -21.73 16.75
CA ALA B 439 4.02 -20.79 17.34
C ALA B 439 4.97 -21.50 18.29
N ALA B 440 6.13 -20.90 18.48
CA ALA B 440 7.10 -21.28 19.48
C ALA B 440 7.86 -20.02 19.88
N TYR B 441 8.53 -20.07 21.04
CA TYR B 441 9.18 -18.90 21.59
C TYR B 441 10.51 -19.30 22.21
N ALA B 442 11.44 -18.35 22.24
CA ALA B 442 12.75 -18.57 22.86
C ALA B 442 13.30 -17.26 23.39
N PHE B 443 14.02 -17.35 24.51
CA PHE B 443 14.64 -16.19 25.14
C PHE B 443 16.10 -16.47 25.43
N THR B 444 16.96 -15.69 24.79
CA THR B 444 18.42 -15.78 24.93
C THR B 444 19.03 -14.47 24.48
N GLU B 445 20.06 -14.02 25.15
CA GLU B 445 20.76 -12.80 24.73
C GLU B 445 21.82 -13.04 23.67
N ASN B 446 22.20 -14.28 23.40
CA ASN B 446 23.30 -14.60 22.53
C ASN B 446 22.87 -14.66 21.06
N ILE B 447 23.62 -13.98 20.20
CA ILE B 447 23.30 -13.92 18.78
C ILE B 447 23.32 -15.31 18.10
N THR B 448 24.37 -16.11 18.33
CA THR B 448 24.48 -17.42 17.70
C THR B 448 23.37 -18.33 18.20
N ARG B 449 23.16 -18.36 19.51
CA ARG B 449 22.15 -19.24 20.08
C ARG B 449 20.74 -18.85 19.60
N GLY B 450 20.47 -17.56 19.55
CA GLY B 450 19.16 -17.06 19.14
C GLY B 450 18.85 -17.42 17.72
N TRP B 451 19.78 -17.17 16.81
CA TRP B 451 19.55 -17.50 15.40
C TRP B 451 19.42 -19.02 15.25
N ARG B 452 20.25 -19.80 15.94
CA ARG B 452 20.19 -21.24 15.87
C ARG B 452 18.86 -21.79 16.29
N VAL B 453 18.33 -21.32 17.42
CA VAL B 453 17.05 -21.82 17.91
C VAL B 453 15.95 -21.43 16.95
N ALA B 454 15.97 -20.18 16.45
CA ALA B 454 14.93 -19.75 15.51
C ALA B 454 14.95 -20.61 14.24
N GLU B 455 16.14 -20.92 13.72
CA GLU B 455 16.25 -21.77 12.54
C GLU B 455 15.81 -23.18 12.81
N SER B 456 16.15 -23.71 14.02
CA SER B 456 15.89 -25.11 14.33
C SER B 456 14.45 -25.46 14.61
N LEU B 457 13.68 -24.52 15.15
CA LEU B 457 12.32 -24.81 15.58
C LEU B 457 11.42 -25.11 14.41
N GLU B 458 10.67 -26.21 14.50
CA GLU B 458 9.80 -26.66 13.41
C GLU B 458 8.39 -26.09 13.62
N PHE B 459 8.32 -24.74 13.55
CA PHE B 459 7.11 -23.99 13.81
C PHE B 459 6.99 -22.87 12.81
N GLY B 460 5.76 -22.51 12.46
CA GLY B 460 5.48 -21.45 11.50
C GLY B 460 5.81 -20.06 11.99
N MET B 461 5.87 -19.86 13.31
N MET B 461 5.87 -19.85 13.31
CA MET B 461 6.22 -18.57 13.87
CA MET B 461 6.15 -18.53 13.87
C MET B 461 7.09 -18.81 15.08
C MET B 461 6.98 -18.70 15.12
N VAL B 462 8.06 -17.91 15.25
CA VAL B 462 8.98 -17.97 16.39
C VAL B 462 9.13 -16.57 16.96
N GLY B 463 8.83 -16.41 18.25
CA GLY B 463 9.14 -15.19 18.97
C GLY B 463 10.49 -15.36 19.65
N LEU B 464 11.46 -14.53 19.32
CA LEU B 464 12.80 -14.56 19.88
C LEU B 464 12.95 -13.32 20.73
N ASN B 465 12.97 -13.48 22.05
CA ASN B 465 12.96 -12.35 22.99
C ASN B 465 11.70 -11.51 22.83
N GLU B 466 10.60 -12.18 22.49
CA GLU B 466 9.30 -11.53 22.24
C GLU B 466 8.21 -12.50 22.57
N GLY B 467 7.27 -12.09 23.39
CA GLY B 467 6.07 -12.87 23.67
C GLY B 467 4.81 -12.46 22.93
N LEU B 468 4.83 -11.28 22.27
CA LEU B 468 3.70 -10.74 21.51
C LEU B 468 4.15 -10.57 20.06
N ILE B 469 3.80 -11.52 19.23
CA ILE B 469 4.31 -11.55 17.86
C ILE B 469 3.30 -11.19 16.80
N SER B 470 2.02 -11.11 17.16
CA SER B 470 0.97 -10.90 16.17
C SER B 470 1.08 -9.60 15.42
N THR B 471 0.93 -9.69 14.08
CA THR B 471 1.00 -8.53 13.20
C THR B 471 0.42 -8.90 11.84
N GLU B 472 -0.17 -7.96 11.14
CA GLU B 472 -0.70 -8.22 9.81
C GLU B 472 0.36 -8.27 8.72
N VAL B 473 1.57 -7.80 9.02
CA VAL B 473 2.59 -7.68 7.98
C VAL B 473 3.39 -8.93 7.73
N ALA B 474 3.23 -9.92 8.57
CA ALA B 474 4.02 -11.14 8.52
C ALA B 474 3.12 -12.35 8.37
N PRO B 475 3.65 -13.41 7.74
CA PRO B 475 2.84 -14.62 7.50
C PRO B 475 2.63 -15.47 8.73
N PHE B 476 1.39 -15.73 9.07
CA PHE B 476 1.00 -16.55 10.21
C PHE B 476 0.35 -17.82 9.70
N GLY B 477 0.75 -18.93 10.26
CA GLY B 477 0.14 -20.23 9.98
C GLY B 477 0.99 -21.36 10.48
N GLY B 478 0.50 -22.56 10.30
CA GLY B 478 1.14 -23.72 10.90
C GLY B 478 1.82 -24.69 9.97
N MET B 479 2.82 -25.34 10.48
CA MET B 479 3.54 -26.47 9.88
C MET B 479 2.88 -27.75 10.45
N LYS B 480 3.27 -28.92 9.90
CA LYS B 480 2.83 -30.21 10.39
C LYS B 480 1.33 -30.29 10.50
N GLN B 481 0.74 -30.69 11.63
CA GLN B 481 -0.71 -30.79 11.76
C GLN B 481 -1.37 -29.50 12.24
N SER B 482 -0.63 -28.38 12.29
CA SER B 482 -1.23 -27.11 12.72
C SER B 482 -1.84 -26.30 11.59
N GLY B 483 -1.64 -26.71 10.34
CA GLY B 483 -2.35 -26.00 9.28
C GLY B 483 -1.71 -26.06 7.92
N LEU B 484 -2.30 -25.27 7.02
CA LEU B 484 -1.90 -25.07 5.64
C LEU B 484 -2.15 -23.61 5.32
N GLY B 485 -1.22 -23.02 4.58
CA GLY B 485 -1.38 -21.66 4.13
C GLY B 485 -1.01 -20.63 5.19
N ARG B 486 -1.01 -19.35 4.77
CA ARG B 486 -0.63 -18.27 5.67
C ARG B 486 -1.60 -17.12 5.56
N GLU B 487 -1.72 -16.37 6.66
CA GLU B 487 -2.52 -15.16 6.79
C GLU B 487 -1.64 -14.02 7.21
N GLY B 488 -1.85 -12.86 6.64
CA GLY B 488 -0.98 -11.72 6.81
C GLY B 488 0.15 -11.75 5.79
N SER B 489 0.77 -10.62 5.57
CA SER B 489 1.88 -10.40 4.63
C SER B 489 1.44 -10.47 3.17
N LYS B 490 2.36 -10.17 2.26
CA LYS B 490 2.08 -10.30 0.85
C LYS B 490 1.62 -11.71 0.48
N TYR B 491 2.17 -12.71 1.17
CA TYR B 491 1.87 -14.10 0.87
C TYR B 491 0.43 -14.48 1.17
N GLY B 492 -0.21 -13.80 2.11
CA GLY B 492 -1.58 -14.09 2.46
C GLY B 492 -2.53 -13.90 1.29
N LEU B 493 -2.18 -12.99 0.38
CA LEU B 493 -3.06 -12.73 -0.75
C LEU B 493 -3.03 -13.86 -1.79
N ASP B 494 -1.91 -14.58 -1.88
CA ASP B 494 -1.77 -15.69 -2.82
C ASP B 494 -2.72 -16.84 -2.57
N GLU B 495 -3.21 -16.98 -1.35
CA GLU B 495 -4.20 -17.97 -0.98
C GLU B 495 -5.52 -17.77 -1.74
N TYR B 496 -5.75 -16.57 -2.25
CA TYR B 496 -7.00 -16.19 -2.89
C TYR B 496 -6.88 -15.97 -4.40
N LEU B 497 -5.74 -16.35 -4.95
CA LEU B 497 -5.43 -16.18 -6.36
C LEU B 497 -5.09 -17.51 -7.01
N GLU B 498 -5.34 -17.60 -8.31
CA GLU B 498 -4.91 -18.67 -9.16
C GLU B 498 -3.87 -18.09 -10.14
N MET B 499 -2.77 -18.79 -10.32
CA MET B 499 -1.78 -18.43 -11.32
C MET B 499 -2.21 -18.98 -12.68
N LYS B 500 -1.88 -18.21 -13.71
CA LYS B 500 -2.15 -18.58 -15.07
C LYS B 500 -0.91 -18.29 -15.90
N TYR B 501 -0.40 -19.28 -16.59
CA TYR B 501 0.72 -19.12 -17.52
C TYR B 501 0.11 -18.90 -18.90
N VAL B 502 0.53 -17.83 -19.59
CA VAL B 502 0.09 -17.56 -20.94
C VAL B 502 1.32 -17.61 -21.82
N CYS B 503 1.28 -18.49 -22.86
CA CYS B 503 2.36 -18.65 -23.82
C CYS B 503 1.92 -18.10 -25.16
N LEU B 504 2.57 -17.03 -25.60
CA LEU B 504 2.30 -16.42 -26.90
C LEU B 504 3.26 -17.02 -27.91
N GLY B 505 2.75 -17.59 -28.99
CA GLY B 505 3.57 -18.14 -30.04
C GLY B 505 3.62 -17.31 -31.30
N ASN B 506 4.40 -17.79 -32.26
CA ASN B 506 4.60 -17.15 -33.56
C ASN B 506 5.11 -15.71 -33.41
N MET B 507 5.99 -15.50 -32.45
CA MET B 507 6.53 -14.17 -32.14
C MET B 507 7.77 -13.91 -32.91
N ALA B 508 8.03 -12.64 -33.17
CA ALA B 508 9.12 -12.21 -34.05
C ALA B 508 10.34 -11.73 -33.27
N GLN B 509 11.47 -11.68 -33.94
CA GLN B 509 12.67 -11.19 -33.32
C GLN B 509 12.63 -9.66 -33.33
N PRO B 510 13.17 -9.00 -32.30
CA PRO B 510 13.28 -7.54 -32.34
C PRO B 510 14.13 -7.06 -33.51
N VAL B 511 13.85 -5.84 -34.00
CA VAL B 511 14.52 -5.23 -35.13
C VAL B 511 15.72 -4.42 -34.72
N GLY B 512 16.83 -4.60 -35.46
CA GLY B 512 18.05 -3.79 -35.39
C GLY B 512 18.78 -3.85 -34.08
#